data_3QAY
#
_entry.id   3QAY
#
_cell.length_a   36.507
_cell.length_b   69.737
_cell.length_c   78.818
_cell.angle_alpha   101.72
_cell.angle_beta   102.00
_cell.angle_gamma   105.24
#
_symmetry.space_group_name_H-M   'P 1'
#
loop_
_entity.id
_entity.type
_entity.pdbx_description
1 polymer Endolysin
2 non-polymer 'ZINC ION'
3 non-polymer 'PHOSPHATE ION'
4 water water
#
_entity_poly.entity_id   1
_entity_poly.type   'polypeptide(L)'
_entity_poly.pdbx_seq_one_letter_code
;HMKICITVGHSILKSGACTSADGVVNEYQYNKSLAPVLADTFRKEGHKVDVIICPEKQFKTKNEEKSYKIPRVNSGGYDL
LIELHLNASNGQGKGSEVLYYSNKGLEYATRICDKLGTVFKNRGAKLDKRLYILNSSKPTAVLIESFFCDNKEDYDKAKK
LGHEGIAKLIVEGVLNKNIN
;
_entity_poly.pdbx_strand_id   A,B,C,D
#
# COMPACT_ATOMS: atom_id res chain seq x y z
N HIS A 1 24.04 3.59 -17.33
CA HIS A 1 23.08 3.73 -16.19
C HIS A 1 21.91 2.74 -16.30
N MET A 2 21.19 2.76 -17.42
CA MET A 2 20.14 1.78 -17.70
C MET A 2 20.60 0.76 -18.73
N LYS A 3 20.06 -0.46 -18.63
CA LYS A 3 20.18 -1.46 -19.70
C LYS A 3 18.85 -1.52 -20.45
N ILE A 4 18.88 -1.21 -21.75
CA ILE A 4 17.68 -1.02 -22.53
C ILE A 4 17.58 -2.03 -23.64
N CYS A 5 16.39 -2.56 -23.87
CA CYS A 5 16.15 -3.49 -24.96
C CYS A 5 15.29 -2.78 -25.99
N ILE A 6 15.72 -2.82 -27.25
CA ILE A 6 14.91 -2.30 -28.35
C ILE A 6 14.54 -3.47 -29.25
N THR A 7 13.25 -3.76 -29.34
CA THR A 7 12.76 -4.73 -30.30
C THR A 7 12.20 -4.00 -31.52
N VAL A 8 12.42 -4.57 -32.70
CA VAL A 8 11.77 -4.09 -33.92
C VAL A 8 10.51 -4.91 -34.13
N GLY A 9 9.38 -4.23 -34.25
CA GLY A 9 8.11 -4.87 -34.48
C GLY A 9 8.05 -5.56 -35.83
N HIS A 10 7.29 -6.66 -35.88
CA HIS A 10 7.01 -7.41 -37.09
C HIS A 10 8.22 -8.19 -37.61
N SER A 11 8.07 -8.81 -38.77
CA SER A 11 9.12 -9.64 -39.36
C SER A 11 8.84 -9.92 -40.84
N ILE A 12 9.84 -10.49 -41.51
CA ILE A 12 9.66 -11.03 -42.83
C ILE A 12 9.58 -12.54 -42.72
N LEU A 13 8.42 -13.10 -43.07
CA LEU A 13 8.19 -14.54 -42.99
C LEU A 13 9.03 -15.30 -44.02
N LYS A 14 9.02 -16.62 -43.91
CA LYS A 14 9.70 -17.52 -44.84
C LYS A 14 9.18 -17.38 -46.26
N SER A 15 7.88 -17.08 -46.39
CA SER A 15 7.25 -16.82 -47.68
C SER A 15 7.77 -15.55 -48.34
N GLY A 16 8.38 -14.68 -47.55
CA GLY A 16 8.78 -13.35 -48.00
C GLY A 16 7.76 -12.29 -47.63
N ALA A 17 6.63 -12.72 -47.06
CA ALA A 17 5.60 -11.77 -46.64
C ALA A 17 6.11 -10.99 -45.45
N CYS A 18 5.93 -9.67 -45.48
CA CYS A 18 6.26 -8.81 -44.35
C CYS A 18 5.01 -8.57 -43.50
N THR A 19 5.13 -8.77 -42.19
CA THR A 19 3.95 -8.75 -41.33
C THR A 19 3.59 -7.33 -40.84
N SER A 20 4.39 -6.35 -41.23
CA SER A 20 4.20 -4.97 -40.78
C SER A 20 3.20 -4.23 -41.67
N ALA A 21 2.77 -3.06 -41.21
CA ALA A 21 2.04 -2.14 -42.09
C ALA A 21 2.97 -1.67 -43.22
N ASP A 22 2.38 -1.28 -44.34
CA ASP A 22 3.12 -0.84 -45.52
C ASP A 22 2.35 0.30 -46.20
N GLY A 23 3.01 1.44 -46.36
CA GLY A 23 2.39 2.59 -47.03
C GLY A 23 3.40 3.32 -47.89
N VAL A 24 3.59 4.62 -47.63
CA VAL A 24 4.63 5.38 -48.31
C VAL A 24 6.03 4.92 -47.88
N VAL A 25 6.12 4.24 -46.74
CA VAL A 25 7.33 3.55 -46.33
C VAL A 25 6.93 2.23 -45.66
N ASN A 26 7.77 1.21 -45.78
CA ASN A 26 7.51 -0.04 -45.08
C ASN A 26 7.86 0.11 -43.61
N GLU A 27 6.94 -0.28 -42.74
CA GLU A 27 7.11 -0.13 -41.30
C GLU A 27 8.32 -0.90 -40.80
N TYR A 28 8.37 -2.20 -41.12
CA TYR A 28 9.47 -3.06 -40.66
C TYR A 28 10.83 -2.52 -41.08
N GLN A 29 10.97 -2.18 -42.36
CA GLN A 29 12.23 -1.69 -42.91
C GLN A 29 12.64 -0.37 -42.24
N TYR A 30 11.72 0.57 -42.09
CA TYR A 30 12.04 1.84 -41.41
C TYR A 30 12.60 1.58 -40.01
N ASN A 31 11.87 0.78 -39.24
CA ASN A 31 12.27 0.51 -37.85
C ASN A 31 13.51 -0.36 -37.71
N LYS A 32 13.75 -1.23 -38.70
CA LYS A 32 15.03 -1.94 -38.80
C LYS A 32 16.19 -0.95 -38.95
N SER A 33 15.96 0.13 -39.68
CA SER A 33 16.95 1.20 -39.86
C SER A 33 17.07 2.12 -38.64
N LEU A 34 15.94 2.49 -38.04
CA LEU A 34 15.93 3.37 -36.85
C LEU A 34 16.56 2.73 -35.60
N ALA A 35 16.27 1.45 -35.38
CA ALA A 35 16.66 0.76 -34.14
C ALA A 35 18.14 0.97 -33.74
N PRO A 36 19.09 0.71 -34.66
CA PRO A 36 20.51 0.91 -34.35
C PRO A 36 20.91 2.37 -34.13
N VAL A 37 20.25 3.30 -34.80
CA VAL A 37 20.47 4.73 -34.56
C VAL A 37 19.96 5.12 -33.17
N LEU A 38 18.78 4.60 -32.80
CA LEU A 38 18.20 4.84 -31.47
C LEU A 38 19.11 4.30 -30.37
N ALA A 39 19.61 3.07 -30.56
CA ALA A 39 20.56 2.45 -29.62
C ALA A 39 21.80 3.31 -29.40
N ASP A 40 22.40 3.77 -30.49
CA ASP A 40 23.60 4.60 -30.43
C ASP A 40 23.35 5.93 -29.72
N THR A 41 22.15 6.48 -29.90
CA THR A 41 21.80 7.73 -29.22
C THR A 41 21.73 7.51 -27.70
N PHE A 42 21.13 6.39 -27.28
CA PHE A 42 21.15 6.01 -25.86
C PHE A 42 22.58 5.77 -25.37
N ARG A 43 23.38 5.10 -26.20
CA ARG A 43 24.75 4.72 -25.79
C ARG A 43 25.62 5.94 -25.54
N LYS A 44 25.45 6.98 -26.36
CA LYS A 44 26.15 8.25 -26.20
C LYS A 44 25.93 8.84 -24.79
N GLU A 45 24.76 8.60 -24.22
CA GLU A 45 24.44 9.07 -22.88
C GLU A 45 24.83 8.07 -21.79
N GLY A 46 25.52 6.98 -22.16
CA GLY A 46 26.11 6.05 -21.20
C GLY A 46 25.30 4.81 -20.89
N HIS A 47 24.19 4.62 -21.58
CA HIS A 47 23.33 3.45 -21.33
C HIS A 47 23.76 2.28 -22.21
N LYS A 48 23.40 1.07 -21.78
CA LYS A 48 23.69 -0.12 -22.55
C LYS A 48 22.42 -0.55 -23.26
N VAL A 49 22.56 -0.94 -24.52
CA VAL A 49 21.43 -1.27 -25.37
C VAL A 49 21.67 -2.55 -26.17
N ASP A 50 20.65 -3.40 -26.20
CA ASP A 50 20.58 -4.54 -27.09
C ASP A 50 19.41 -4.34 -28.04
N VAL A 51 19.67 -4.54 -29.32
CA VAL A 51 18.63 -4.45 -30.34
C VAL A 51 18.23 -5.85 -30.72
N ILE A 52 16.93 -6.13 -30.67
CA ILE A 52 16.39 -7.45 -31.03
C ILE A 52 15.53 -7.32 -32.28
N ILE A 53 15.96 -7.94 -33.36
CA ILE A 53 15.21 -7.96 -34.60
C ILE A 53 15.01 -9.42 -34.98
N CYS A 54 13.79 -9.77 -35.38
CA CYS A 54 13.48 -11.13 -35.77
C CYS A 54 14.31 -11.56 -36.98
N PRO A 55 14.77 -12.82 -37.00
CA PRO A 55 15.38 -13.32 -38.21
C PRO A 55 14.42 -13.17 -39.38
N GLU A 56 14.97 -12.92 -40.57
CA GLU A 56 14.17 -12.80 -41.78
C GLU A 56 14.11 -14.14 -42.54
N LYS A 57 12.94 -14.40 -43.13
CA LYS A 57 12.69 -15.60 -43.93
C LYS A 57 12.90 -16.92 -43.17
N GLN A 58 12.64 -16.88 -41.87
CA GLN A 58 12.75 -18.05 -41.00
C GLN A 58 11.36 -18.53 -40.57
N PHE A 59 10.52 -17.59 -40.14
CA PHE A 59 9.21 -17.91 -39.56
C PHE A 59 8.18 -18.38 -40.57
N LYS A 60 7.41 -19.40 -40.17
CA LYS A 60 6.27 -19.89 -40.93
C LYS A 60 5.07 -18.95 -40.77
N THR A 61 4.83 -18.51 -39.53
CA THR A 61 3.74 -17.56 -39.25
C THR A 61 4.22 -16.42 -38.36
N LYS A 62 3.40 -15.37 -38.28
CA LYS A 62 3.67 -14.24 -37.38
C LYS A 62 3.66 -14.65 -35.90
N ASN A 63 3.08 -15.80 -35.59
CA ASN A 63 3.02 -16.28 -34.21
C ASN A 63 4.40 -16.50 -33.61
N GLU A 64 5.39 -16.75 -34.45
CA GLU A 64 6.77 -16.96 -34.00
C GLU A 64 7.50 -15.67 -33.54
N GLU A 65 6.92 -14.50 -33.80
CA GLU A 65 7.51 -13.24 -33.35
C GLU A 65 7.52 -13.16 -31.82
N LYS A 66 6.40 -13.53 -31.21
CA LYS A 66 6.29 -13.61 -29.76
C LYS A 66 7.28 -14.62 -29.17
N SER A 67 7.26 -15.83 -29.70
CA SER A 67 8.14 -16.91 -29.23
C SER A 67 9.61 -16.58 -29.34
N TYR A 68 9.97 -15.78 -30.35
CA TYR A 68 11.35 -15.34 -30.51
C TYR A 68 11.70 -14.21 -29.52
N LYS A 69 10.86 -13.18 -29.47
CA LYS A 69 11.17 -11.97 -28.71
C LYS A 69 11.13 -12.16 -27.19
N ILE A 70 10.04 -12.73 -26.69
CA ILE A 70 9.78 -12.79 -25.23
C ILE A 70 10.88 -13.44 -24.35
N PRO A 71 11.39 -14.62 -24.75
CA PRO A 71 12.49 -15.22 -23.96
C PRO A 71 13.76 -14.35 -23.94
N ARG A 72 14.06 -13.70 -25.06
CA ARG A 72 15.24 -12.84 -25.17
C ARG A 72 15.07 -11.55 -24.40
N VAL A 73 13.89 -10.94 -24.49
CA VAL A 73 13.57 -9.79 -23.65
C VAL A 73 13.70 -10.13 -22.16
N ASN A 74 13.20 -11.31 -21.78
CA ASN A 74 13.15 -11.69 -20.37
C ASN A 74 14.42 -12.32 -19.81
N SER A 75 15.40 -12.61 -20.66
CA SER A 75 16.67 -13.19 -20.20
C SER A 75 17.80 -12.16 -20.09
N GLY A 76 17.56 -10.94 -20.55
CA GLY A 76 18.61 -9.92 -20.62
C GLY A 76 18.74 -8.99 -19.42
N GLY A 77 17.85 -9.11 -18.44
CA GLY A 77 17.90 -8.25 -17.25
C GLY A 77 17.85 -6.77 -17.61
N TYR A 78 16.79 -6.36 -18.31
CA TYR A 78 16.67 -4.99 -18.79
C TYR A 78 15.90 -4.12 -17.81
N ASP A 79 16.26 -2.85 -17.76
CA ASP A 79 15.49 -1.86 -17.00
C ASP A 79 14.31 -1.36 -17.83
N LEU A 80 14.40 -1.47 -19.15
CA LEU A 80 13.38 -0.93 -20.06
C LEU A 80 13.37 -1.63 -21.42
N LEU A 81 12.16 -1.92 -21.91
CA LEU A 81 11.95 -2.42 -23.26
C LEU A 81 11.21 -1.38 -24.09
N ILE A 82 11.70 -1.16 -25.31
CA ILE A 82 11.03 -0.30 -26.28
C ILE A 82 10.82 -1.14 -27.54
N GLU A 83 9.59 -1.21 -28.02
CA GLU A 83 9.34 -1.82 -29.33
C GLU A 83 8.91 -0.75 -30.32
N LEU A 84 9.57 -0.76 -31.47
CA LEU A 84 9.40 0.26 -32.49
C LEU A 84 8.37 -0.20 -33.51
N HIS A 85 7.35 0.65 -33.69
CA HIS A 85 6.34 0.48 -34.71
C HIS A 85 6.12 1.78 -35.47
N LEU A 86 5.42 1.66 -36.58
CA LEU A 86 4.81 2.78 -37.26
C LEU A 86 3.32 2.47 -37.34
N ASN A 87 2.51 3.53 -37.34
CA ASN A 87 1.07 3.40 -37.33
C ASN A 87 0.52 3.35 -38.74
N ALA A 88 -0.77 3.08 -38.84
CA ALA A 88 -1.45 3.05 -40.11
C ALA A 88 -2.95 3.22 -39.89
N SER A 89 -3.63 3.80 -40.89
CA SER A 89 -5.08 3.87 -40.89
C SER A 89 -5.53 3.74 -42.35
N ASN A 90 -6.11 4.81 -42.90
CA ASN A 90 -6.53 4.85 -44.30
C ASN A 90 -5.76 5.93 -45.07
N GLY A 91 -4.73 6.50 -44.44
CA GLY A 91 -3.97 7.60 -45.04
C GLY A 91 -4.21 8.95 -44.40
N GLN A 92 -5.33 9.09 -43.69
CA GLN A 92 -5.69 10.37 -43.06
C GLN A 92 -5.18 10.48 -41.61
N GLY A 93 -5.06 9.35 -40.92
CA GLY A 93 -4.49 9.34 -39.58
C GLY A 93 -3.04 9.81 -39.60
N LYS A 94 -2.64 10.54 -38.57
CA LYS A 94 -1.28 11.04 -38.48
C LYS A 94 -0.87 11.26 -37.03
N GLY A 95 0.45 11.30 -36.81
CA GLY A 95 0.98 11.65 -35.50
C GLY A 95 1.62 10.50 -34.74
N SER A 96 2.06 10.81 -33.53
CA SER A 96 2.79 9.90 -32.68
C SER A 96 1.94 9.45 -31.52
N GLU A 97 2.25 8.27 -31.01
CA GLU A 97 1.45 7.58 -30.02
C GLU A 97 2.34 6.55 -29.33
N VAL A 98 2.23 6.42 -28.01
CA VAL A 98 3.02 5.43 -27.28
C VAL A 98 2.12 4.57 -26.39
N LEU A 99 2.20 3.25 -26.55
CA LEU A 99 1.38 2.32 -25.77
C LEU A 99 2.16 1.82 -24.57
N TYR A 100 1.49 1.71 -23.43
CA TYR A 100 2.14 1.34 -22.18
C TYR A 100 1.25 0.40 -21.36
N TYR A 101 1.83 -0.17 -20.31
CA TYR A 101 1.18 -1.21 -19.50
C TYR A 101 0.98 -0.82 -18.04
N SER A 102 1.86 0.04 -17.51
CA SER A 102 1.89 0.35 -16.09
C SER A 102 2.03 1.85 -15.85
N ASN A 103 1.95 2.24 -14.58
CA ASN A 103 2.17 3.64 -14.21
C ASN A 103 3.59 4.09 -14.53
N LYS A 104 4.56 3.19 -14.39
CA LYS A 104 5.96 3.51 -14.71
C LYS A 104 6.11 3.71 -16.21
N GLY A 105 5.51 2.81 -16.98
CA GLY A 105 5.45 2.93 -18.43
C GLY A 105 4.78 4.20 -18.90
N LEU A 106 3.71 4.60 -18.21
CA LEU A 106 3.03 5.87 -18.50
C LEU A 106 3.96 7.08 -18.42
N GLU A 107 4.86 7.09 -17.43
CA GLU A 107 5.80 8.22 -17.30
C GLU A 107 6.66 8.37 -18.54
N TYR A 108 7.30 7.27 -18.94
CA TYR A 108 8.06 7.22 -20.19
C TYR A 108 7.20 7.63 -21.39
N ALA A 109 6.04 6.99 -21.52
CA ALA A 109 5.16 7.20 -22.68
C ALA A 109 4.80 8.67 -22.89
N THR A 110 4.44 9.37 -21.81
CA THR A 110 4.03 10.77 -21.89
C THR A 110 5.16 11.68 -22.35
N ARG A 111 6.35 11.46 -21.82
CA ARG A 111 7.51 12.26 -22.19
C ARG A 111 7.92 12.01 -23.64
N ILE A 112 7.93 10.75 -24.07
CA ILE A 112 8.21 10.42 -25.47
C ILE A 112 7.20 11.13 -26.38
N CYS A 113 5.92 11.01 -26.03
CA CYS A 113 4.85 11.65 -26.78
C CYS A 113 5.01 13.16 -26.88
N ASP A 114 5.35 13.80 -25.77
CA ASP A 114 5.57 15.26 -25.77
C ASP A 114 6.73 15.64 -26.68
N LYS A 115 7.81 14.87 -26.64
CA LYS A 115 8.98 15.15 -27.48
C LYS A 115 8.67 14.96 -28.96
N LEU A 116 8.14 13.80 -29.33
CA LEU A 116 7.68 13.59 -30.70
C LEU A 116 6.65 14.64 -31.10
N GLY A 117 5.82 15.07 -30.12
CA GLY A 117 4.79 16.08 -30.31
C GLY A 117 5.29 17.43 -30.77
N THR A 118 6.59 17.68 -30.62
CA THR A 118 7.23 18.89 -31.12
C THR A 118 7.29 18.95 -32.65
N VAL A 119 7.16 17.79 -33.29
CA VAL A 119 7.22 17.67 -34.75
C VAL A 119 5.94 17.04 -35.36
N PHE A 120 5.45 15.99 -34.71
CA PHE A 120 4.24 15.29 -35.14
C PHE A 120 3.05 15.71 -34.27
N LYS A 121 1.85 15.29 -34.68
CA LYS A 121 0.67 15.42 -33.83
C LYS A 121 0.84 14.52 -32.61
N ASN A 122 0.70 15.08 -31.41
CA ASN A 122 0.74 14.28 -30.19
C ASN A 122 -0.61 13.62 -29.96
N ARG A 123 -0.70 12.34 -30.33
CA ARG A 123 -1.94 11.56 -30.14
C ARG A 123 -2.13 11.11 -28.70
N GLY A 124 -1.07 11.18 -27.90
CA GLY A 124 -1.12 10.85 -26.47
C GLY A 124 -0.67 9.44 -26.12
N ALA A 125 -0.26 9.24 -24.87
CA ALA A 125 0.08 7.92 -24.35
C ALA A 125 -1.21 7.14 -24.10
N LYS A 126 -1.19 5.85 -24.42
CA LYS A 126 -2.41 5.04 -24.33
C LYS A 126 -2.12 3.72 -23.65
N LEU A 127 -2.96 3.37 -22.68
CA LEU A 127 -2.86 2.11 -21.97
C LEU A 127 -3.41 0.99 -22.85
N ASP A 128 -2.63 -0.08 -23.01
CA ASP A 128 -3.11 -1.29 -23.68
C ASP A 128 -2.49 -2.52 -23.02
N LYS A 129 -3.28 -3.24 -22.26
CA LYS A 129 -2.80 -4.42 -21.54
C LYS A 129 -2.97 -5.71 -22.34
N ARG A 130 -3.50 -5.60 -23.56
CA ARG A 130 -3.77 -6.77 -24.38
C ARG A 130 -2.56 -7.23 -25.19
N LEU A 131 -1.58 -6.35 -25.38
CA LEU A 131 -0.44 -6.66 -26.23
C LEU A 131 0.56 -7.51 -25.46
N TYR A 132 0.98 -8.61 -26.08
CA TYR A 132 1.89 -9.55 -25.46
C TYR A 132 3.26 -8.93 -25.15
N ILE A 133 3.70 -7.99 -26.00
CA ILE A 133 5.01 -7.40 -25.81
C ILE A 133 5.02 -6.56 -24.53
N LEU A 134 3.83 -6.12 -24.11
CA LEU A 134 3.65 -5.37 -22.87
C LEU A 134 3.26 -6.24 -21.67
N ASN A 135 2.33 -7.17 -21.87
CA ASN A 135 1.82 -7.98 -20.75
C ASN A 135 2.64 -9.24 -20.43
N SER A 136 3.64 -9.55 -21.25
CA SER A 136 4.49 -10.73 -21.02
C SER A 136 5.96 -10.39 -20.88
N SER A 137 6.26 -9.11 -20.77
CA SER A 137 7.64 -8.66 -20.60
C SER A 137 7.85 -8.33 -19.13
N LYS A 138 8.96 -8.80 -18.57
CA LYS A 138 9.27 -8.50 -17.16
C LYS A 138 9.60 -7.02 -16.94
N PRO A 139 10.54 -6.46 -17.75
CA PRO A 139 10.80 -5.04 -17.53
C PRO A 139 9.62 -4.15 -17.92
N THR A 140 9.60 -2.94 -17.37
CA THR A 140 8.74 -1.87 -17.87
C THR A 140 8.92 -1.80 -19.39
N ALA A 141 7.80 -1.71 -20.11
CA ALA A 141 7.84 -1.69 -21.57
C ALA A 141 6.96 -0.59 -22.14
N VAL A 142 7.39 -0.05 -23.29
CA VAL A 142 6.55 0.84 -24.09
C VAL A 142 6.63 0.45 -25.56
N LEU A 143 5.52 0.62 -26.25
CA LEU A 143 5.47 0.37 -27.67
C LEU A 143 5.32 1.73 -28.34
N ILE A 144 6.31 2.11 -29.13
CA ILE A 144 6.30 3.41 -29.78
C ILE A 144 5.79 3.31 -31.22
N GLU A 145 4.71 4.04 -31.49
CA GLU A 145 4.22 4.24 -32.85
C GLU A 145 4.65 5.65 -33.25
N SER A 146 5.84 5.75 -33.84
CA SER A 146 6.53 7.02 -34.06
C SER A 146 5.76 8.00 -34.96
N PHE A 147 5.23 7.47 -36.05
CA PHE A 147 4.41 8.22 -37.01
C PHE A 147 3.69 7.23 -37.94
N PHE A 148 2.84 7.74 -38.83
CA PHE A 148 2.07 6.87 -39.74
C PHE A 148 2.85 6.55 -41.01
N CYS A 149 3.03 5.26 -41.28
CA CYS A 149 3.76 4.83 -42.48
C CYS A 149 2.93 5.00 -43.77
N ASP A 150 1.65 5.34 -43.63
CA ASP A 150 0.77 5.54 -44.79
C ASP A 150 0.35 7.01 -44.96
N ASN A 151 1.07 7.91 -44.30
CA ASN A 151 0.80 9.34 -44.39
C ASN A 151 2.05 10.08 -44.90
N LYS A 152 1.96 10.62 -46.12
CA LYS A 152 3.07 11.30 -46.78
C LYS A 152 3.70 12.37 -45.91
N GLU A 153 2.85 13.21 -45.34
CA GLU A 153 3.29 14.38 -44.57
C GLU A 153 4.10 13.94 -43.36
N ASP A 154 3.63 12.92 -42.64
CA ASP A 154 4.37 12.34 -41.53
C ASP A 154 5.73 11.83 -41.97
N TYR A 155 5.77 11.07 -43.07
CA TYR A 155 7.03 10.49 -43.54
C TYR A 155 8.00 11.57 -44.05
N ASP A 156 7.46 12.61 -44.67
CA ASP A 156 8.29 13.77 -45.06
C ASP A 156 8.92 14.44 -43.85
N LYS A 157 8.16 14.57 -42.76
CA LYS A 157 8.71 15.09 -41.51
C LYS A 157 9.83 14.20 -40.97
N ALA A 158 9.61 12.88 -41.04
CA ALA A 158 10.58 11.91 -40.55
C ALA A 158 11.89 11.97 -41.34
N LYS A 159 11.78 12.02 -42.66
CA LYS A 159 12.94 12.19 -43.53
C LYS A 159 13.64 13.55 -43.33
N LYS A 160 12.89 14.57 -42.93
CA LYS A 160 13.49 15.87 -42.57
C LYS A 160 14.30 15.73 -41.28
N LEU A 161 13.69 15.14 -40.25
CA LEU A 161 14.38 14.90 -38.98
C LEU A 161 15.56 13.94 -39.15
N GLY A 162 15.35 12.91 -39.96
CA GLY A 162 16.33 11.82 -40.09
C GLY A 162 16.20 10.85 -38.92
N HIS A 163 16.87 9.71 -39.03
CA HIS A 163 16.81 8.70 -37.94
C HIS A 163 17.31 9.29 -36.62
N GLU A 164 18.36 10.10 -36.71
CA GLU A 164 18.97 10.75 -35.56
C GLU A 164 18.03 11.74 -34.89
N GLY A 165 17.28 12.48 -35.72
CA GLY A 165 16.27 13.41 -35.22
C GLY A 165 15.14 12.74 -34.49
N ILE A 166 14.64 11.63 -35.02
CA ILE A 166 13.62 10.83 -34.35
C ILE A 166 14.18 10.22 -33.07
N ALA A 167 15.36 9.62 -33.19
CA ALA A 167 16.05 8.99 -32.05
C ALA A 167 16.23 9.97 -30.90
N LYS A 168 16.73 11.16 -31.20
CA LYS A 168 17.00 12.17 -30.17
C LYS A 168 15.75 12.49 -29.37
N LEU A 169 14.61 12.60 -30.05
CA LEU A 169 13.35 12.95 -29.38
C LEU A 169 12.89 11.83 -28.44
N ILE A 170 13.03 10.60 -28.91
CA ILE A 170 12.68 9.42 -28.10
C ILE A 170 13.60 9.31 -26.88
N VAL A 171 14.89 9.51 -27.10
CA VAL A 171 15.87 9.40 -26.03
C VAL A 171 15.69 10.51 -24.98
N GLU A 172 15.51 11.75 -25.45
CA GLU A 172 15.23 12.87 -24.54
C GLU A 172 14.01 12.57 -23.67
N GLY A 173 12.97 12.01 -24.29
CA GLY A 173 11.75 11.63 -23.60
C GLY A 173 11.99 10.56 -22.55
N VAL A 174 12.61 9.45 -22.94
CA VAL A 174 12.86 8.35 -22.00
C VAL A 174 13.75 8.81 -20.84
N LEU A 175 14.81 9.54 -21.17
CA LEU A 175 15.79 9.95 -20.17
C LEU A 175 15.37 11.19 -19.38
N ASN A 176 14.33 11.87 -19.81
CA ASN A 176 13.83 13.10 -19.15
C ASN A 176 14.91 14.16 -19.03
N LYS A 177 15.59 14.43 -20.14
CA LYS A 177 16.56 15.51 -20.19
C LYS A 177 16.73 15.96 -21.63
N ASN A 178 17.40 17.10 -21.78
CA ASN A 178 17.70 17.62 -23.10
C ASN A 178 19.13 17.26 -23.46
N ILE A 179 19.32 16.70 -24.65
CA ILE A 179 20.62 16.23 -25.08
C ILE A 179 21.36 17.33 -25.82
N ASN A 180 20.68 17.94 -26.79
CA ASN A 180 21.28 18.94 -27.67
C ASN A 180 22.80 18.92 -27.61
N HIS B 1 -21.86 23.29 -8.63
CA HIS B 1 -22.30 21.90 -8.28
C HIS B 1 -22.26 21.66 -6.77
N MET B 2 -21.14 21.99 -6.15
CA MET B 2 -21.03 22.02 -4.69
C MET B 2 -21.13 23.46 -4.20
N LYS B 3 -21.57 23.63 -2.96
CA LYS B 3 -21.44 24.89 -2.26
C LYS B 3 -20.34 24.67 -1.23
N ILE B 4 -19.29 25.48 -1.32
CA ILE B 4 -18.09 25.30 -0.53
C ILE B 4 -17.89 26.49 0.41
N CYS B 5 -17.52 26.20 1.64
CA CYS B 5 -17.11 27.24 2.58
C CYS B 5 -15.60 27.17 2.74
N ILE B 6 -14.96 28.33 2.68
CA ILE B 6 -13.55 28.46 3.00
C ILE B 6 -13.42 29.39 4.20
N THR B 7 -12.89 28.85 5.30
CA THR B 7 -12.55 29.68 6.45
C THR B 7 -11.06 29.93 6.47
N VAL B 8 -10.70 31.14 6.87
CA VAL B 8 -9.31 31.49 7.11
C VAL B 8 -9.03 31.24 8.59
N GLY B 9 -8.10 30.34 8.88
CA GLY B 9 -7.75 30.02 10.26
C GLY B 9 -7.17 31.22 10.98
N HIS B 10 -7.41 31.32 12.28
CA HIS B 10 -6.81 32.34 13.16
C HIS B 10 -7.48 33.71 13.01
N SER B 11 -6.94 34.72 13.70
CA SER B 11 -7.51 36.06 13.65
C SER B 11 -6.49 37.09 14.13
N ILE B 12 -6.86 38.36 14.03
CA ILE B 12 -6.14 39.44 14.70
C ILE B 12 -7.05 39.93 15.80
N LEU B 13 -6.57 39.81 17.05
CA LEU B 13 -7.36 40.20 18.23
C LEU B 13 -7.40 41.72 18.40
N LYS B 14 -8.23 42.17 19.34
CA LYS B 14 -8.43 43.59 19.63
C LYS B 14 -7.14 44.29 20.05
N SER B 15 -6.26 43.53 20.69
CA SER B 15 -4.92 44.01 21.07
C SER B 15 -4.00 44.22 19.86
N GLY B 16 -4.39 43.70 18.71
CA GLY B 16 -3.53 43.64 17.53
C GLY B 16 -2.73 42.36 17.42
N ALA B 17 -2.74 41.52 18.45
CA ALA B 17 -2.01 40.27 18.45
C ALA B 17 -2.66 39.33 17.44
N CYS B 18 -1.83 38.69 16.62
CA CYS B 18 -2.32 37.72 15.66
C CYS B 18 -2.17 36.33 16.25
N THR B 19 -3.22 35.52 16.14
CA THR B 19 -3.26 34.19 16.77
C THR B 19 -2.58 33.12 15.90
N SER B 20 -2.20 33.47 14.68
CA SER B 20 -1.57 32.50 13.77
C SER B 20 -0.08 32.30 14.05
N ALA B 21 0.49 31.28 13.40
CA ALA B 21 1.95 31.10 13.39
C ALA B 21 2.54 32.21 12.53
N ASP B 22 3.83 32.45 12.71
CA ASP B 22 4.52 33.51 12.00
C ASP B 22 5.98 33.12 11.83
N GLY B 23 6.41 32.95 10.57
CA GLY B 23 7.81 32.62 10.28
C GLY B 23 8.38 33.57 9.23
N VAL B 24 8.78 33.01 8.09
CA VAL B 24 9.20 33.80 6.95
C VAL B 24 7.97 34.44 6.29
N VAL B 25 6.79 33.93 6.63
CA VAL B 25 5.52 34.56 6.26
C VAL B 25 4.55 34.45 7.45
N ASN B 26 3.61 35.39 7.55
CA ASN B 26 2.55 35.30 8.54
C ASN B 26 1.47 34.38 8.02
N GLU B 27 1.14 33.34 8.79
CA GLU B 27 0.14 32.36 8.42
C GLU B 27 -1.21 33.00 8.08
N TYR B 28 -1.71 33.85 8.98
CA TYR B 28 -3.01 34.48 8.78
C TYR B 28 -3.05 35.42 7.55
N GLN B 29 -2.00 36.21 7.33
CA GLN B 29 -1.98 37.11 6.19
C GLN B 29 -1.92 36.33 4.88
N TYR B 30 -1.09 35.29 4.84
CA TYR B 30 -0.99 34.45 3.64
C TYR B 30 -2.32 33.83 3.26
N ASN B 31 -3.04 33.29 4.24
CA ASN B 31 -4.31 32.62 3.97
C ASN B 31 -5.46 33.58 3.68
N LYS B 32 -5.37 34.78 4.24
CA LYS B 32 -6.26 35.89 3.88
C LYS B 32 -6.15 36.21 2.38
N SER B 33 -4.94 36.08 1.84
CA SER B 33 -4.70 36.34 0.41
C SER B 33 -5.06 35.14 -0.45
N LEU B 34 -4.79 33.93 0.03
CA LEU B 34 -5.05 32.70 -0.74
C LEU B 34 -6.55 32.43 -0.90
N ALA B 35 -7.30 32.63 0.18
CA ALA B 35 -8.71 32.26 0.24
C ALA B 35 -9.53 32.77 -0.94
N PRO B 36 -9.47 34.10 -1.22
CA PRO B 36 -10.24 34.59 -2.36
C PRO B 36 -9.78 34.01 -3.71
N VAL B 37 -8.49 33.75 -3.87
CA VAL B 37 -7.99 33.11 -5.09
C VAL B 37 -8.47 31.65 -5.19
N LEU B 38 -8.40 30.91 -4.07
CA LEU B 38 -8.93 29.54 -4.03
C LEU B 38 -10.43 29.51 -4.37
N ALA B 39 -11.18 30.44 -3.81
CA ALA B 39 -12.61 30.56 -4.09
C ALA B 39 -12.85 30.74 -5.58
N ASP B 40 -12.10 31.67 -6.18
CA ASP B 40 -12.24 31.95 -7.60
C ASP B 40 -11.90 30.73 -8.46
N THR B 41 -10.92 29.95 -8.04
CA THR B 41 -10.52 28.75 -8.77
C THR B 41 -11.63 27.68 -8.75
N PHE B 42 -12.31 27.53 -7.62
CA PHE B 42 -13.52 26.70 -7.54
C PHE B 42 -14.65 27.25 -8.41
N ARG B 43 -14.86 28.57 -8.34
CA ARG B 43 -15.95 29.24 -9.06
C ARG B 43 -15.82 29.07 -10.56
N LYS B 44 -14.58 29.12 -11.05
CA LYS B 44 -14.29 28.88 -12.45
C LYS B 44 -14.76 27.49 -12.91
N GLU B 45 -14.79 26.52 -12.00
CA GLU B 45 -15.25 25.17 -12.33
C GLU B 45 -16.76 24.97 -12.10
N GLY B 46 -17.47 26.04 -11.73
CA GLY B 46 -18.95 26.03 -11.63
C GLY B 46 -19.54 25.95 -10.23
N HIS B 47 -18.69 26.00 -9.20
CA HIS B 47 -19.11 25.81 -7.82
C HIS B 47 -19.37 27.16 -7.16
N LYS B 48 -20.21 27.17 -6.12
CA LYS B 48 -20.43 28.37 -5.31
C LYS B 48 -19.55 28.34 -4.07
N VAL B 49 -19.02 29.50 -3.69
CA VAL B 49 -18.09 29.60 -2.57
C VAL B 49 -18.38 30.82 -1.70
N ASP B 50 -18.33 30.63 -0.38
CA ASP B 50 -18.30 31.71 0.59
C ASP B 50 -17.01 31.66 1.37
N VAL B 51 -16.29 32.78 1.41
CA VAL B 51 -15.11 32.90 2.23
C VAL B 51 -15.54 33.49 3.57
N ILE B 52 -15.12 32.84 4.65
CA ILE B 52 -15.36 33.32 5.99
C ILE B 52 -14.01 33.66 6.61
N ILE B 53 -13.83 34.94 6.94
CA ILE B 53 -12.64 35.42 7.65
C ILE B 53 -13.12 36.15 8.90
N CYS B 54 -12.47 35.89 10.03
CA CYS B 54 -12.85 36.54 11.28
C CYS B 54 -12.63 38.05 11.21
N PRO B 55 -13.50 38.84 11.86
CA PRO B 55 -13.28 40.28 11.91
C PRO B 55 -11.99 40.60 12.65
N GLU B 56 -11.28 41.62 12.18
CA GLU B 56 -9.99 41.99 12.76
C GLU B 56 -10.15 43.02 13.86
N LYS B 57 -9.35 42.87 14.91
CA LYS B 57 -9.34 43.78 16.06
C LYS B 57 -10.70 43.93 16.73
N GLN B 58 -11.45 42.82 16.78
CA GLN B 58 -12.74 42.76 17.48
C GLN B 58 -12.65 41.79 18.65
N PHE B 59 -12.10 40.61 18.41
CA PHE B 59 -12.02 39.56 19.43
C PHE B 59 -11.11 39.95 20.59
N LYS B 60 -11.54 39.65 21.82
CA LYS B 60 -10.71 39.83 23.00
C LYS B 60 -9.74 38.66 23.14
N THR B 61 -10.21 37.44 22.82
CA THR B 61 -9.38 36.23 22.86
C THR B 61 -9.64 35.35 21.66
N LYS B 62 -8.74 34.39 21.43
CA LYS B 62 -8.83 33.45 20.31
C LYS B 62 -10.04 32.52 20.41
N ASN B 63 -10.58 32.39 21.62
CA ASN B 63 -11.79 31.59 21.87
C ASN B 63 -13.00 32.02 21.05
N GLU B 64 -13.05 33.29 20.66
CA GLU B 64 -14.18 33.82 19.89
C GLU B 64 -14.16 33.38 18.42
N GLU B 65 -13.02 32.85 17.96
CA GLU B 65 -12.92 32.29 16.61
C GLU B 65 -13.92 31.16 16.44
N LYS B 66 -13.95 30.27 17.43
CA LYS B 66 -14.88 29.14 17.49
C LYS B 66 -16.34 29.61 17.42
N SER B 67 -16.70 30.55 18.30
CA SER B 67 -18.06 31.06 18.40
C SER B 67 -18.52 31.77 17.13
N TYR B 68 -17.59 32.47 16.48
CA TYR B 68 -17.88 33.21 15.26
C TYR B 68 -18.10 32.30 14.04
N LYS B 69 -17.20 31.34 13.86
CA LYS B 69 -17.15 30.56 12.63
C LYS B 69 -18.25 29.50 12.53
N ILE B 70 -18.40 28.71 13.60
CA ILE B 70 -19.20 27.50 13.56
C ILE B 70 -20.67 27.75 13.19
N PRO B 71 -21.32 28.74 13.82
CA PRO B 71 -22.71 29.00 13.44
C PRO B 71 -22.85 29.45 11.98
N ARG B 72 -21.90 30.24 11.51
CA ARG B 72 -21.90 30.71 10.11
C ARG B 72 -21.64 29.58 9.14
N VAL B 73 -20.70 28.70 9.47
CA VAL B 73 -20.48 27.49 8.70
C VAL B 73 -21.76 26.67 8.62
N ASN B 74 -22.42 26.42 9.75
CA ASN B 74 -23.59 25.55 9.75
C ASN B 74 -24.86 26.17 9.16
N SER B 75 -24.95 27.51 9.16
CA SER B 75 -26.12 28.21 8.57
C SER B 75 -26.14 28.17 7.04
N GLY B 76 -24.98 27.97 6.42
CA GLY B 76 -24.83 28.14 4.99
C GLY B 76 -25.27 26.98 4.11
N GLY B 77 -25.47 25.80 4.68
CA GLY B 77 -25.83 24.61 3.89
C GLY B 77 -24.77 24.22 2.88
N TYR B 78 -23.52 24.12 3.33
CA TYR B 78 -22.42 23.79 2.45
C TYR B 78 -22.28 22.28 2.25
N ASP B 79 -21.69 21.90 1.13
CA ASP B 79 -21.34 20.53 0.86
C ASP B 79 -19.92 20.22 1.33
N LEU B 80 -19.13 21.26 1.57
CA LEU B 80 -17.74 21.10 1.97
C LEU B 80 -17.23 22.33 2.72
N LEU B 81 -16.47 22.10 3.79
CA LEU B 81 -15.74 23.15 4.48
C LEU B 81 -14.24 22.92 4.29
N ILE B 82 -13.53 23.97 3.87
CA ILE B 82 -12.08 23.96 3.84
C ILE B 82 -11.61 25.07 4.76
N GLU B 83 -10.77 24.73 5.73
CA GLU B 83 -10.08 25.76 6.52
C GLU B 83 -8.59 25.81 6.19
N LEU B 84 -8.11 27.00 5.90
CA LEU B 84 -6.74 27.23 5.45
C LEU B 84 -5.80 27.59 6.61
N HIS B 85 -4.73 26.82 6.73
CA HIS B 85 -3.67 27.05 7.72
C HIS B 85 -2.29 26.93 7.07
N LEU B 86 -1.28 27.36 7.79
CA LEU B 86 0.12 27.07 7.46
C LEU B 86 0.71 26.39 8.67
N ASN B 87 1.67 25.51 8.45
CA ASN B 87 2.25 24.73 9.53
C ASN B 87 3.43 25.49 10.12
N ALA B 88 3.90 25.02 11.26
CA ALA B 88 5.13 25.53 11.88
C ALA B 88 5.79 24.40 12.69
N SER B 89 7.11 24.51 12.84
CA SER B 89 7.84 23.65 13.78
C SER B 89 9.03 24.44 14.35
N ASN B 90 10.24 24.02 14.03
CA ASN B 90 11.46 24.72 14.45
C ASN B 90 12.19 25.31 13.23
N GLY B 91 11.52 25.29 12.08
CA GLY B 91 12.15 25.71 10.83
C GLY B 91 12.66 24.55 10.00
N GLN B 92 12.76 23.37 10.60
CA GLN B 92 13.24 22.18 9.90
C GLN B 92 12.10 21.38 9.29
N GLY B 93 10.92 21.44 9.90
CA GLY B 93 9.72 20.84 9.33
C GLY B 93 9.34 21.46 8.00
N LYS B 94 8.86 20.63 7.08
CA LYS B 94 8.42 21.13 5.78
C LYS B 94 7.36 20.24 5.11
N GLY B 95 6.60 20.84 4.20
CA GLY B 95 5.68 20.08 3.36
C GLY B 95 4.22 20.29 3.70
N SER B 96 3.37 19.49 3.05
CA SER B 96 1.94 19.68 3.09
C SER B 96 1.24 18.56 3.86
N GLU B 97 0.11 18.93 4.48
CA GLU B 97 -0.64 18.06 5.36
C GLU B 97 -2.12 18.48 5.31
N VAL B 98 -3.04 17.53 5.44
CA VAL B 98 -4.48 17.85 5.50
C VAL B 98 -5.13 17.04 6.62
N LEU B 99 -5.82 17.71 7.53
CA LEU B 99 -6.47 17.03 8.64
C LEU B 99 -7.94 16.83 8.32
N TYR B 100 -8.46 15.66 8.68
CA TYR B 100 -9.85 15.29 8.38
C TYR B 100 -10.51 14.65 9.61
N TYR B 101 -11.83 14.50 9.54
CA TYR B 101 -12.63 13.92 10.62
C TYR B 101 -13.26 12.57 10.24
N SER B 102 -13.66 12.44 8.98
CA SER B 102 -14.47 11.32 8.54
C SER B 102 -13.87 10.65 7.32
N ASN B 103 -14.47 9.53 6.92
CA ASN B 103 -14.05 8.81 5.73
C ASN B 103 -14.19 9.68 4.47
N LYS B 104 -15.27 10.45 4.37
CA LYS B 104 -15.44 11.36 3.23
C LYS B 104 -14.35 12.42 3.21
N GLY B 105 -14.05 12.98 4.38
CA GLY B 105 -12.94 13.91 4.51
C GLY B 105 -11.61 13.29 4.12
N LEU B 106 -11.40 12.03 4.49
CA LEU B 106 -10.18 11.30 4.15
C LEU B 106 -9.93 11.30 2.63
N GLU B 107 -10.98 11.04 1.84
CA GLU B 107 -10.87 11.04 0.38
C GLU B 107 -10.36 12.37 -0.16
N TYR B 108 -10.98 13.46 0.29
CA TYR B 108 -10.53 14.82 -0.07
C TYR B 108 -9.08 15.05 0.36
N ALA B 109 -8.81 14.73 1.63
CA ALA B 109 -7.50 14.95 2.25
C ALA B 109 -6.39 14.28 1.45
N THR B 110 -6.60 13.01 1.12
CA THR B 110 -5.62 12.23 0.38
C THR B 110 -5.29 12.85 -0.98
N ARG B 111 -6.33 13.21 -1.73
CA ARG B 111 -6.14 13.80 -3.07
C ARG B 111 -5.49 15.18 -3.00
N ILE B 112 -5.87 15.98 -2.00
CA ILE B 112 -5.23 17.28 -1.81
C ILE B 112 -3.73 17.09 -1.55
N CYS B 113 -3.39 16.23 -0.60
CA CYS B 113 -2.00 15.94 -0.28
C CYS B 113 -1.19 15.42 -1.48
N ASP B 114 -1.82 14.58 -2.31
CA ASP B 114 -1.17 14.08 -3.53
C ASP B 114 -0.85 15.19 -4.51
N LYS B 115 -1.79 16.12 -4.69
CA LYS B 115 -1.59 17.25 -5.58
C LYS B 115 -0.53 18.21 -5.05
N LEU B 116 -0.67 18.61 -3.79
CA LEU B 116 0.34 19.46 -3.16
C LEU B 116 1.70 18.79 -3.15
N GLY B 117 1.69 17.45 -3.02
CA GLY B 117 2.91 16.65 -3.00
C GLY B 117 3.71 16.62 -4.29
N THR B 118 3.16 17.23 -5.35
CA THR B 118 3.90 17.42 -6.60
C THR B 118 4.94 18.54 -6.47
N VAL B 119 4.76 19.41 -5.48
CA VAL B 119 5.70 20.50 -5.21
C VAL B 119 6.34 20.36 -3.83
N PHE B 120 5.52 20.06 -2.82
CA PHE B 120 6.00 19.92 -1.44
C PHE B 120 6.14 18.47 -1.03
N LYS B 121 6.77 18.25 0.12
CA LYS B 121 6.74 16.95 0.76
C LYS B 121 5.31 16.63 1.13
N ASN B 122 4.82 15.47 0.72
CA ASN B 122 3.50 15.01 1.12
C ASN B 122 3.59 14.33 2.48
N ARG B 123 3.18 15.06 3.52
CA ARG B 123 3.25 14.55 4.89
C ARG B 123 2.09 13.61 5.23
N GLY B 124 1.08 13.57 4.37
CA GLY B 124 -0.06 12.67 4.53
C GLY B 124 -1.32 13.33 5.04
N ALA B 125 -2.45 12.70 4.72
CA ALA B 125 -3.73 13.01 5.33
C ALA B 125 -3.72 12.45 6.75
N LYS B 126 -4.18 13.25 7.70
CA LYS B 126 -4.15 12.87 9.11
C LYS B 126 -5.50 13.09 9.77
N LEU B 127 -5.95 12.06 10.50
CA LEU B 127 -7.19 12.12 11.26
C LEU B 127 -6.99 12.92 12.55
N ASP B 128 -7.76 13.98 12.73
CA ASP B 128 -7.77 14.69 14.01
C ASP B 128 -9.19 15.03 14.43
N LYS B 129 -9.72 14.25 15.38
CA LYS B 129 -11.08 14.43 15.87
C LYS B 129 -11.23 15.50 16.93
N ARG B 130 -10.11 16.05 17.41
CA ARG B 130 -10.12 17.02 18.50
C ARG B 130 -10.31 18.47 18.04
N LEU B 131 -10.25 18.72 16.73
CA LEU B 131 -10.34 20.08 16.19
C LEU B 131 -11.80 20.45 16.05
N TYR B 132 -12.20 21.53 16.71
CA TYR B 132 -13.59 21.97 16.68
C TYR B 132 -14.05 22.26 15.26
N ILE B 133 -13.17 22.83 14.42
CA ILE B 133 -13.56 23.20 13.06
C ILE B 133 -14.00 21.99 12.24
N LEU B 134 -13.45 20.83 12.59
CA LEU B 134 -13.82 19.57 11.96
C LEU B 134 -14.99 18.88 12.65
N ASN B 135 -14.96 18.82 13.98
CA ASN B 135 -15.96 18.04 14.71
C ASN B 135 -17.28 18.77 14.99
N SER B 136 -17.28 20.09 14.85
CA SER B 136 -18.50 20.88 15.10
C SER B 136 -19.14 21.42 13.81
N SER B 137 -18.54 21.09 12.66
CA SER B 137 -19.04 21.55 11.36
C SER B 137 -19.90 20.47 10.69
N LYS B 138 -21.12 20.83 10.29
CA LYS B 138 -22.07 19.88 9.69
C LYS B 138 -21.57 19.30 8.35
N PRO B 139 -21.03 20.14 7.43
CA PRO B 139 -20.51 19.56 6.18
C PRO B 139 -19.22 18.78 6.38
N THR B 140 -18.90 17.90 5.42
CA THR B 140 -17.55 17.30 5.35
C THR B 140 -16.53 18.42 5.38
N ALA B 141 -15.53 18.28 6.27
CA ALA B 141 -14.54 19.32 6.48
C ALA B 141 -13.11 18.80 6.38
N VAL B 142 -12.24 19.65 5.84
CA VAL B 142 -10.80 19.40 5.83
C VAL B 142 -10.07 20.67 6.29
N LEU B 143 -8.92 20.47 6.94
CA LEU B 143 -8.08 21.57 7.41
C LEU B 143 -6.79 21.41 6.64
N ILE B 144 -6.49 22.37 5.77
CA ILE B 144 -5.31 22.29 4.94
C ILE B 144 -4.15 23.05 5.59
N GLU B 145 -3.06 22.32 5.83
CA GLU B 145 -1.80 22.90 6.25
C GLU B 145 -0.91 22.87 5.01
N SER B 146 -1.07 23.87 4.15
CA SER B 146 -0.49 23.90 2.79
C SER B 146 1.03 23.78 2.77
N PHE B 147 1.69 24.51 3.65
CA PHE B 147 3.14 24.42 3.82
C PHE B 147 3.57 25.05 5.15
N PHE B 148 4.85 25.00 5.47
CA PHE B 148 5.38 25.55 6.72
C PHE B 148 5.74 27.04 6.57
N CYS B 149 5.11 27.88 7.39
CA CYS B 149 5.34 29.33 7.33
C CYS B 149 6.70 29.74 7.90
N ASP B 150 7.38 28.82 8.59
CA ASP B 150 8.68 29.08 9.16
C ASP B 150 9.80 28.36 8.41
N ASN B 151 9.52 27.97 7.17
CA ASN B 151 10.49 27.28 6.33
C ASN B 151 10.66 28.03 5.00
N LYS B 152 11.87 28.56 4.76
CA LYS B 152 12.18 29.37 3.57
C LYS B 152 11.94 28.63 2.26
N GLU B 153 12.35 27.36 2.21
CA GLU B 153 12.27 26.56 1.00
C GLU B 153 10.81 26.34 0.58
N ASP B 154 9.98 25.99 1.55
CA ASP B 154 8.52 25.89 1.34
C ASP B 154 7.93 27.20 0.82
N TYR B 155 8.25 28.31 1.50
CA TYR B 155 7.67 29.59 1.14
C TYR B 155 8.14 30.06 -0.25
N ASP B 156 9.40 29.78 -0.57
CA ASP B 156 9.92 30.06 -1.92
C ASP B 156 9.15 29.29 -2.99
N LYS B 157 8.84 28.02 -2.71
CA LYS B 157 8.01 27.23 -3.60
C LYS B 157 6.61 27.81 -3.74
N ALA B 158 6.09 28.39 -2.66
CA ALA B 158 4.77 29.01 -2.64
C ALA B 158 4.72 30.27 -3.52
N LYS B 159 5.72 31.12 -3.36
CA LYS B 159 5.83 32.34 -4.18
C LYS B 159 6.14 32.02 -5.65
N LYS B 160 6.82 30.89 -5.88
CA LYS B 160 7.07 30.41 -7.24
C LYS B 160 5.75 29.98 -7.87
N LEU B 161 5.01 29.14 -7.15
CA LEU B 161 3.67 28.70 -7.54
C LEU B 161 2.67 29.85 -7.67
N GLY B 162 2.79 30.85 -6.79
CA GLY B 162 1.78 31.88 -6.66
C GLY B 162 0.54 31.37 -5.97
N HIS B 163 -0.40 32.27 -5.68
CA HIS B 163 -1.65 31.90 -5.04
C HIS B 163 -2.47 30.99 -5.94
N GLU B 164 -2.47 31.29 -7.24
CA GLU B 164 -3.20 30.52 -8.24
C GLU B 164 -2.65 29.09 -8.36
N GLY B 165 -1.33 28.94 -8.29
CA GLY B 165 -0.70 27.62 -8.37
C GLY B 165 -1.09 26.74 -7.21
N ILE B 166 -1.03 27.29 -6.00
CA ILE B 166 -1.45 26.59 -4.79
C ILE B 166 -2.94 26.24 -4.88
N ALA B 167 -3.77 27.25 -5.18
CA ALA B 167 -5.22 27.05 -5.34
C ALA B 167 -5.54 25.95 -6.33
N LYS B 168 -4.88 25.97 -7.49
CA LYS B 168 -5.13 24.98 -8.54
C LYS B 168 -4.94 23.54 -8.02
N LEU B 169 -3.87 23.32 -7.25
CA LEU B 169 -3.55 21.97 -6.76
C LEU B 169 -4.61 21.49 -5.77
N ILE B 170 -5.04 22.41 -4.91
CA ILE B 170 -6.10 22.14 -3.93
C ILE B 170 -7.41 21.83 -4.64
N VAL B 171 -7.77 22.65 -5.61
CA VAL B 171 -8.99 22.48 -6.37
C VAL B 171 -9.01 21.14 -7.12
N GLU B 172 -7.93 20.90 -7.86
CA GLU B 172 -7.76 19.64 -8.59
C GLU B 172 -7.93 18.43 -7.67
N GLY B 173 -7.38 18.55 -6.45
CA GLY B 173 -7.51 17.50 -5.43
C GLY B 173 -8.94 17.31 -4.97
N VAL B 174 -9.61 18.40 -4.63
CA VAL B 174 -10.99 18.33 -4.15
C VAL B 174 -11.96 17.80 -5.22
N LEU B 175 -11.79 18.27 -6.45
CA LEU B 175 -12.73 17.95 -7.52
C LEU B 175 -12.39 16.64 -8.23
N ASN B 176 -11.26 16.03 -7.84
CA ASN B 176 -10.73 14.83 -8.49
C ASN B 176 -10.65 14.95 -10.01
N LYS B 177 -10.06 16.04 -10.48
CA LYS B 177 -9.82 16.22 -11.91
C LYS B 177 -8.66 17.20 -12.15
N ASN B 178 -8.17 17.20 -13.39
CA ASN B 178 -7.13 18.16 -13.80
C ASN B 178 -7.78 19.35 -14.48
N ILE B 179 -7.39 20.56 -14.07
CA ILE B 179 -8.00 21.79 -14.58
C ILE B 179 -7.39 22.25 -15.91
N ASN B 180 -6.11 22.63 -15.88
CA ASN B 180 -5.41 23.09 -17.09
C ASN B 180 -5.66 22.15 -18.27
N HIS C 1 -0.11 -20.43 22.51
CA HIS C 1 -0.25 -19.78 21.18
C HIS C 1 0.36 -18.38 21.19
N MET C 2 -0.20 -17.50 22.00
CA MET C 2 0.29 -16.13 22.15
C MET C 2 1.09 -16.00 23.43
N LYS C 3 2.06 -15.08 23.43
CA LYS C 3 2.69 -14.64 24.68
C LYS C 3 2.11 -13.26 25.00
N ILE C 4 1.56 -13.11 26.19
CA ILE C 4 0.79 -11.93 26.54
C ILE C 4 1.38 -11.24 27.77
N CYS C 5 1.39 -9.91 27.75
CA CYS C 5 1.80 -9.15 28.92
C CYS C 5 0.59 -8.43 29.46
N ILE C 6 0.38 -8.54 30.77
CA ILE C 6 -0.64 -7.75 31.46
C ILE C 6 0.06 -6.82 32.44
N THR C 7 -0.03 -5.51 32.19
CA THR C 7 0.40 -4.54 33.18
C THR C 7 -0.79 -4.06 33.99
N VAL C 8 -0.53 -3.83 35.28
CA VAL C 8 -1.48 -3.18 36.19
C VAL C 8 -1.18 -1.69 36.19
N GLY C 9 -2.18 -0.88 35.85
CA GLY C 9 -2.01 0.57 35.85
C GLY C 9 -1.76 1.11 37.24
N HIS C 10 -0.96 2.18 37.31
CA HIS C 10 -0.70 2.93 38.54
C HIS C 10 0.26 2.21 39.50
N SER C 11 0.42 2.78 40.69
CA SER C 11 1.35 2.24 41.67
C SER C 11 1.04 2.79 43.04
N ILE C 12 1.74 2.26 44.04
CA ILE C 12 1.75 2.82 45.37
C ILE C 12 3.15 3.39 45.52
N LEU C 13 3.25 4.70 45.70
CA LEU C 13 4.55 5.37 45.78
C LEU C 13 5.19 5.11 47.14
N LYS C 14 6.45 5.56 47.28
CA LYS C 14 7.19 5.46 48.53
C LYS C 14 6.48 6.18 49.66
N SER C 15 5.81 7.28 49.34
CA SER C 15 5.02 8.05 50.29
C SER C 15 3.82 7.24 50.82
N GLY C 16 3.45 6.19 50.11
CA GLY C 16 2.24 5.44 50.39
C GLY C 16 1.06 5.95 49.58
N ALA C 17 1.25 7.05 48.86
CA ALA C 17 0.21 7.57 47.98
C ALA C 17 0.00 6.61 46.81
N CYS C 18 -1.27 6.31 46.53
CA CYS C 18 -1.63 5.48 45.39
C CYS C 18 -1.99 6.40 44.23
N THR C 19 -1.39 6.16 43.07
CA THR C 19 -1.56 7.06 41.91
C THR C 19 -2.86 6.82 41.13
N SER C 20 -3.61 5.77 41.48
CA SER C 20 -4.81 5.43 40.74
C SER C 20 -6.00 6.26 41.18
N ALA C 21 -7.09 6.14 40.42
CA ALA C 21 -8.39 6.67 40.84
C ALA C 21 -8.86 5.88 42.06
N ASP C 22 -9.73 6.49 42.85
CA ASP C 22 -10.24 5.89 44.08
C ASP C 22 -11.69 6.31 44.29
N GLY C 23 -12.61 5.34 44.26
CA GLY C 23 -14.03 5.61 44.45
C GLY C 23 -14.69 4.65 45.42
N VAL C 24 -15.68 3.91 44.95
CA VAL C 24 -16.28 2.84 45.75
C VAL C 24 -15.35 1.62 45.80
N VAL C 25 -14.37 1.60 44.90
CA VAL C 25 -13.26 0.68 44.99
C VAL C 25 -12.00 1.42 44.54
N ASN C 26 -10.85 0.98 45.03
CA ASN C 26 -9.59 1.54 44.57
C ASN C 26 -9.18 0.86 43.28
N GLU C 27 -8.85 1.67 42.28
CA GLU C 27 -8.53 1.15 40.95
C GLU C 27 -7.31 0.23 40.97
N TYR C 28 -6.22 0.67 41.59
CA TYR C 28 -5.00 -0.14 41.66
C TYR C 28 -5.25 -1.48 42.34
N GLN C 29 -5.89 -1.46 43.51
CA GLN C 29 -6.13 -2.66 44.29
C GLN C 29 -7.00 -3.66 43.53
N TYR C 30 -8.04 -3.16 42.86
CA TYR C 30 -8.91 -4.02 42.07
C TYR C 30 -8.15 -4.74 40.96
N ASN C 31 -7.38 -3.97 40.19
CA ASN C 31 -6.65 -4.50 39.07
C ASN C 31 -5.43 -5.34 39.47
N LYS C 32 -4.84 -5.03 40.63
CA LYS C 32 -3.87 -5.92 41.27
C LYS C 32 -4.49 -7.30 41.50
N SER C 33 -5.76 -7.33 41.92
CA SER C 33 -6.47 -8.58 42.16
C SER C 33 -6.91 -9.30 40.87
N LEU C 34 -7.34 -8.52 39.86
CA LEU C 34 -7.85 -9.08 38.61
C LEU C 34 -6.77 -9.70 37.71
N ALA C 35 -5.60 -9.06 37.67
CA ALA C 35 -4.54 -9.43 36.74
C ALA C 35 -4.18 -10.91 36.76
N PRO C 36 -3.90 -11.48 37.94
CA PRO C 36 -3.54 -12.90 37.99
C PRO C 36 -4.69 -13.82 37.56
N VAL C 37 -5.92 -13.40 37.83
CA VAL C 37 -7.11 -14.14 37.41
C VAL C 37 -7.24 -14.08 35.89
N LEU C 38 -7.06 -12.89 35.32
CA LEU C 38 -7.02 -12.75 33.87
C LEU C 38 -5.89 -13.58 33.25
N ALA C 39 -4.70 -13.54 33.87
CA ALA C 39 -3.58 -14.35 33.41
C ALA C 39 -3.93 -15.85 33.41
N ASP C 40 -4.49 -16.35 34.50
CA ASP C 40 -4.84 -17.78 34.58
C ASP C 40 -5.91 -18.16 33.57
N THR C 41 -6.83 -17.25 33.28
CA THR C 41 -7.87 -17.51 32.29
C THR C 41 -7.27 -17.68 30.88
N PHE C 42 -6.31 -16.82 30.55
CA PHE C 42 -5.57 -16.95 29.28
C PHE C 42 -4.76 -18.24 29.25
N ARG C 43 -4.16 -18.59 30.38
CA ARG C 43 -3.30 -19.77 30.47
C ARG C 43 -4.07 -21.08 30.26
N LYS C 44 -5.33 -21.11 30.68
CA LYS C 44 -6.18 -22.29 30.52
C LYS C 44 -6.39 -22.60 29.03
N GLU C 45 -6.29 -21.59 28.19
CA GLU C 45 -6.39 -21.76 26.73
C GLU C 45 -5.02 -21.98 26.08
N GLY C 46 -3.96 -22.06 26.88
CA GLY C 46 -2.63 -22.44 26.38
C GLY C 46 -1.65 -21.31 26.13
N HIS C 47 -2.08 -20.08 26.37
CA HIS C 47 -1.25 -18.90 26.12
C HIS C 47 -0.31 -18.68 27.29
N LYS C 48 0.84 -18.07 27.03
CA LYS C 48 1.78 -17.73 28.08
C LYS C 48 1.55 -16.29 28.48
N VAL C 49 1.55 -16.02 29.79
CA VAL C 49 1.26 -14.69 30.29
C VAL C 49 2.25 -14.30 31.37
N ASP C 50 2.66 -13.03 31.34
CA ASP C 50 3.45 -12.41 32.40
C ASP C 50 2.67 -11.25 32.96
N VAL C 51 2.51 -11.20 34.29
CA VAL C 51 1.85 -10.08 34.93
C VAL C 51 2.93 -9.14 35.44
N ILE C 52 2.87 -7.88 35.01
CA ILE C 52 3.81 -6.85 35.44
C ILE C 52 3.06 -5.86 36.34
N ILE C 53 3.46 -5.82 37.61
CA ILE C 53 2.94 -4.88 38.59
C ILE C 53 4.11 -4.09 39.15
N CYS C 54 3.94 -2.77 39.27
CA CYS C 54 4.95 -1.92 39.87
C CYS C 54 5.18 -2.31 41.33
N PRO C 55 6.45 -2.33 41.76
CA PRO C 55 6.75 -2.50 43.17
C PRO C 55 6.07 -1.41 43.97
N GLU C 56 5.63 -1.76 45.18
CA GLU C 56 4.92 -0.82 46.04
C GLU C 56 5.89 -0.15 47.01
N LYS C 57 5.64 1.12 47.30
CA LYS C 57 6.45 1.89 48.25
C LYS C 57 7.93 1.90 47.87
N GLN C 58 8.19 2.10 46.58
CA GLN C 58 9.55 2.23 46.06
C GLN C 58 9.73 3.53 45.29
N PHE C 59 8.82 3.79 44.36
CA PHE C 59 8.91 4.98 43.50
C PHE C 59 8.84 6.30 44.28
N LYS C 60 9.69 7.25 43.89
CA LYS C 60 9.65 8.62 44.42
C LYS C 60 8.50 9.41 43.79
N THR C 61 8.28 9.22 42.49
CA THR C 61 7.17 9.86 41.76
C THR C 61 6.56 8.90 40.73
N LYS C 62 5.39 9.28 40.20
CA LYS C 62 4.68 8.43 39.23
C LYS C 62 5.43 8.28 37.90
N ASN C 63 6.39 9.17 37.65
CA ASN C 63 7.21 9.07 36.44
C ASN C 63 7.95 7.73 36.32
N GLU C 64 8.18 7.09 37.47
CA GLU C 64 8.88 5.80 37.49
C GLU C 64 8.02 4.63 37.06
N GLU C 65 6.71 4.84 36.93
CA GLU C 65 5.83 3.82 36.37
C GLU C 65 6.23 3.49 34.92
N LYS C 66 6.43 4.52 34.12
CA LYS C 66 6.87 4.37 32.73
C LYS C 66 8.23 3.68 32.64
N SER C 67 9.19 4.21 33.41
CA SER C 67 10.56 3.70 33.40
C SER C 67 10.64 2.25 33.83
N TYR C 68 9.74 1.86 34.74
CA TYR C 68 9.71 0.48 35.22
C TYR C 68 9.07 -0.48 34.20
N LYS C 69 7.92 -0.09 33.64
CA LYS C 69 7.17 -1.00 32.77
C LYS C 69 7.71 -1.14 31.34
N ILE C 70 8.03 -0.02 30.70
CA ILE C 70 8.39 -0.04 29.27
C ILE C 70 9.53 -1.00 28.92
N PRO C 71 10.66 -0.96 29.67
CA PRO C 71 11.71 -1.93 29.36
C PRO C 71 11.30 -3.39 29.56
N ARG C 72 10.41 -3.65 30.52
CA ARG C 72 9.93 -5.01 30.77
C ARG C 72 8.95 -5.46 29.69
N VAL C 73 8.01 -4.59 29.32
CA VAL C 73 7.14 -4.86 28.17
C VAL C 73 7.97 -5.14 26.91
N ASN C 74 8.97 -4.30 26.67
CA ASN C 74 9.74 -4.37 25.43
C ASN C 74 10.87 -5.42 25.41
N SER C 75 11.04 -6.17 26.49
CA SER C 75 12.08 -7.23 26.54
C SER C 75 11.50 -8.65 26.54
N GLY C 76 10.18 -8.79 26.66
CA GLY C 76 9.55 -10.09 26.82
C GLY C 76 9.15 -10.79 25.53
N GLY C 77 9.22 -10.07 24.40
CA GLY C 77 8.82 -10.63 23.12
C GLY C 77 7.36 -10.99 23.08
N TYR C 78 6.50 -10.07 23.50
CA TYR C 78 5.07 -10.34 23.62
C TYR C 78 4.35 -10.12 22.30
N ASP C 79 3.24 -10.83 22.13
CA ASP C 79 2.36 -10.64 20.97
C ASP C 79 1.27 -9.63 21.30
N LEU C 80 1.05 -9.38 22.58
CA LEU C 80 0.01 -8.47 23.02
C LEU C 80 0.29 -7.94 24.41
N LEU C 81 0.19 -6.62 24.56
CA LEU C 81 0.19 -5.98 25.88
C LEU C 81 -1.23 -5.51 26.21
N ILE C 82 -1.69 -5.83 27.43
CA ILE C 82 -2.95 -5.34 27.98
C ILE C 82 -2.63 -4.62 29.27
N GLU C 83 -3.01 -3.35 29.40
CA GLU C 83 -2.89 -2.66 30.69
C GLU C 83 -4.27 -2.46 31.29
N LEU C 84 -4.39 -2.82 32.57
CA LEU C 84 -5.66 -2.77 33.27
C LEU C 84 -5.83 -1.46 34.03
N HIS C 85 -6.95 -0.80 33.76
CA HIS C 85 -7.38 0.37 34.49
C HIS C 85 -8.85 0.24 34.90
N LEU C 86 -9.29 1.15 35.76
CA LEU C 86 -10.71 1.42 36.00
C LEU C 86 -10.89 2.91 35.73
N ASN C 87 -12.07 3.29 35.25
CA ASN C 87 -12.36 4.67 34.86
C ASN C 87 -12.85 5.48 36.06
N ALA C 88 -13.02 6.78 35.85
CA ALA C 88 -13.58 7.66 36.87
C ALA C 88 -14.11 8.93 36.22
N SER C 89 -15.09 9.56 36.87
CA SER C 89 -15.56 10.89 36.45
C SER C 89 -15.97 11.67 37.71
N ASN C 90 -17.26 11.97 37.85
CA ASN C 90 -17.79 12.52 39.10
C ASN C 90 -18.86 11.57 39.67
N GLY C 91 -18.80 10.30 39.27
CA GLY C 91 -19.69 9.26 39.82
C GLY C 91 -20.84 8.88 38.90
N GLN C 92 -21.15 9.74 37.94
CA GLN C 92 -22.27 9.51 37.03
C GLN C 92 -21.88 8.75 35.77
N GLY C 93 -20.61 8.88 35.37
CA GLY C 93 -20.08 8.10 34.27
C GLY C 93 -20.11 6.61 34.62
N LYS C 94 -20.33 5.78 33.61
CA LYS C 94 -20.39 4.33 33.79
C LYS C 94 -20.07 3.61 32.48
N GLY C 95 -19.61 2.37 32.59
CA GLY C 95 -19.40 1.52 31.43
C GLY C 95 -17.96 1.15 31.15
N SER C 96 -17.77 0.42 30.04
CA SER C 96 -16.50 -0.15 29.65
C SER C 96 -15.96 0.51 28.39
N GLU C 97 -14.64 0.58 28.31
CA GLU C 97 -13.96 1.35 27.30
C GLU C 97 -12.58 0.74 27.13
N VAL C 98 -12.09 0.67 25.89
CA VAL C 98 -10.75 0.14 25.61
C VAL C 98 -10.02 1.08 24.65
N LEU C 99 -8.84 1.51 25.07
CA LEU C 99 -8.03 2.43 24.29
C LEU C 99 -6.97 1.66 23.51
N TYR C 100 -6.71 2.10 22.29
CA TYR C 100 -5.79 1.41 21.40
C TYR C 100 -4.96 2.42 20.62
N TYR C 101 -3.94 1.90 19.94
CA TYR C 101 -2.97 2.71 19.21
C TYR C 101 -3.01 2.50 17.70
N SER C 102 -3.35 1.28 17.29
CA SER C 102 -3.15 0.81 15.92
C SER C 102 -4.39 0.07 15.40
N ASN C 103 -4.38 -0.28 14.13
CA ASN C 103 -5.48 -1.03 13.53
C ASN C 103 -5.62 -2.45 14.11
N LYS C 104 -4.50 -3.12 14.39
CA LYS C 104 -4.55 -4.45 15.05
C LYS C 104 -5.12 -4.32 16.46
N GLY C 105 -4.69 -3.29 17.18
CA GLY C 105 -5.26 -2.98 18.50
C GLY C 105 -6.77 -2.75 18.43
N LEU C 106 -7.24 -2.07 17.39
CA LEU C 106 -8.66 -1.79 17.23
C LEU C 106 -9.47 -3.08 17.24
N GLU C 107 -9.02 -4.06 16.47
CA GLU C 107 -9.65 -5.39 16.43
C GLU C 107 -9.84 -5.95 17.83
N TYR C 108 -8.75 -6.06 18.59
CA TYR C 108 -8.83 -6.52 19.98
C TYR C 108 -9.80 -5.65 20.80
N ALA C 109 -9.65 -4.33 20.69
CA ALA C 109 -10.44 -3.39 21.50
C ALA C 109 -11.94 -3.52 21.26
N THR C 110 -12.35 -3.60 20.00
CA THR C 110 -13.77 -3.74 19.66
C THR C 110 -14.37 -5.01 20.26
N ARG C 111 -13.68 -6.13 20.12
CA ARG C 111 -14.16 -7.41 20.64
C ARG C 111 -14.26 -7.44 22.17
N ILE C 112 -13.26 -6.85 22.83
CA ILE C 112 -13.27 -6.71 24.30
C ILE C 112 -14.47 -5.86 24.77
N CYS C 113 -14.68 -4.73 24.10
CA CYS C 113 -15.80 -3.86 24.39
C CYS C 113 -17.14 -4.56 24.18
N ASP C 114 -17.26 -5.30 23.08
CA ASP C 114 -18.47 -6.05 22.79
C ASP C 114 -18.77 -7.06 23.89
N LYS C 115 -17.74 -7.74 24.39
CA LYS C 115 -17.91 -8.73 25.46
C LYS C 115 -18.25 -8.08 26.80
N LEU C 116 -17.49 -7.08 27.21
CA LEU C 116 -17.78 -6.31 28.43
C LEU C 116 -19.17 -5.66 28.34
N GLY C 117 -19.57 -5.29 27.12
CA GLY C 117 -20.86 -4.66 26.85
C GLY C 117 -22.08 -5.53 27.13
N THR C 118 -21.84 -6.83 27.31
CA THR C 118 -22.89 -7.74 27.69
C THR C 118 -23.36 -7.52 29.13
N VAL C 119 -22.52 -6.86 29.94
CA VAL C 119 -22.84 -6.57 31.34
C VAL C 119 -22.80 -5.07 31.67
N PHE C 120 -21.83 -4.36 31.09
CA PHE C 120 -21.66 -2.92 31.28
C PHE C 120 -22.09 -2.16 30.03
N LYS C 121 -22.17 -0.84 30.16
CA LYS C 121 -22.40 0.02 29.00
C LYS C 121 -21.17 0.00 28.12
N ASN C 122 -21.36 -0.34 26.86
CA ASN C 122 -20.27 -0.35 25.89
C ASN C 122 -20.01 1.08 25.39
N ARG C 123 -19.01 1.73 25.98
CA ARG C 123 -18.63 3.08 25.58
C ARG C 123 -17.80 3.09 24.31
N GLY C 124 -17.27 1.94 23.92
CA GLY C 124 -16.59 1.78 22.64
C GLY C 124 -15.06 1.82 22.70
N ALA C 125 -14.45 1.30 21.65
CA ALA C 125 -13.01 1.39 21.48
C ALA C 125 -12.63 2.81 21.06
N LYS C 126 -11.53 3.33 21.60
CA LYS C 126 -11.11 4.71 21.30
C LYS C 126 -9.60 4.79 21.02
N LEU C 127 -9.24 5.52 19.97
CA LEU C 127 -7.84 5.73 19.61
C LEU C 127 -7.24 6.77 20.54
N ASP C 128 -6.07 6.47 21.10
CA ASP C 128 -5.32 7.45 21.90
C ASP C 128 -3.83 7.21 21.75
N LYS C 129 -3.20 8.02 20.90
CA LYS C 129 -1.78 7.91 20.60
C LYS C 129 -0.89 8.66 21.59
N ARG C 130 -1.51 9.36 22.54
CA ARG C 130 -0.78 10.18 23.50
C ARG C 130 -0.25 9.37 24.68
N LEU C 131 -0.85 8.21 24.94
CA LEU C 131 -0.49 7.39 26.10
C LEU C 131 0.81 6.63 25.88
N TYR C 132 1.78 6.80 26.79
CA TYR C 132 3.10 6.17 26.66
C TYR C 132 3.03 4.64 26.62
N ILE C 133 2.10 4.04 27.37
CA ILE C 133 1.98 2.58 27.41
C ILE C 133 1.57 2.04 26.04
N LEU C 134 0.92 2.88 25.25
CA LEU C 134 0.56 2.55 23.88
C LEU C 134 1.59 3.01 22.84
N ASN C 135 2.10 4.23 22.98
CA ASN C 135 3.02 4.78 21.98
C ASN C 135 4.49 4.38 22.13
N SER C 136 4.85 3.74 23.25
CA SER C 136 6.24 3.32 23.51
C SER C 136 6.37 1.83 23.80
N SER C 137 5.31 1.06 23.58
CA SER C 137 5.36 -0.40 23.65
C SER C 137 5.49 -0.99 22.24
N LYS C 138 6.41 -1.95 22.08
CA LYS C 138 6.62 -2.58 20.76
C LYS C 138 5.44 -3.46 20.33
N PRO C 139 4.99 -4.37 21.21
CA PRO C 139 3.85 -5.18 20.77
C PRO C 139 2.56 -4.36 20.63
N THR C 140 1.61 -4.92 19.91
CA THR C 140 0.25 -4.40 19.89
C THR C 140 -0.25 -4.29 21.33
N ALA C 141 -0.92 -3.21 21.65
CA ALA C 141 -1.23 -2.88 23.02
C ALA C 141 -2.61 -2.28 23.14
N VAL C 142 -3.33 -2.71 24.18
CA VAL C 142 -4.62 -2.13 24.52
C VAL C 142 -4.64 -1.79 26.01
N LEU C 143 -5.36 -0.72 26.34
CA LEU C 143 -5.53 -0.29 27.71
C LEU C 143 -7.02 -0.47 27.99
N ILE C 144 -7.34 -1.40 28.90
CA ILE C 144 -8.70 -1.74 29.20
C ILE C 144 -9.17 -0.95 30.42
N GLU C 145 -10.18 -0.10 30.22
CA GLU C 145 -10.88 0.58 31.32
C GLU C 145 -12.15 -0.24 31.56
N SER C 146 -12.08 -1.23 32.45
CA SER C 146 -13.13 -2.25 32.56
C SER C 146 -14.48 -1.71 33.03
N PHE C 147 -14.45 -0.83 34.01
CA PHE C 147 -15.65 -0.14 34.47
C PHE C 147 -15.22 1.06 35.31
N PHE C 148 -16.18 1.84 35.79
CA PHE C 148 -15.91 3.02 36.62
C PHE C 148 -15.81 2.66 38.10
N CYS C 149 -14.67 2.99 38.71
CA CYS C 149 -14.42 2.66 40.12
C CYS C 149 -15.19 3.58 41.07
N ASP C 150 -15.73 4.68 40.55
CA ASP C 150 -16.54 5.61 41.34
C ASP C 150 -18.04 5.50 41.06
N ASN C 151 -18.47 4.37 40.49
CA ASN C 151 -19.88 4.14 40.18
C ASN C 151 -20.36 2.87 40.88
N LYS C 152 -21.24 3.04 41.87
CA LYS C 152 -21.80 1.93 42.65
C LYS C 152 -22.33 0.80 41.77
N GLU C 153 -23.17 1.15 40.82
CA GLU C 153 -23.85 0.18 39.96
C GLU C 153 -22.84 -0.63 39.12
N ASP C 154 -21.80 0.02 38.63
CA ASP C 154 -20.71 -0.67 37.92
C ASP C 154 -20.01 -1.65 38.85
N TYR C 155 -19.61 -1.18 40.03
CA TYR C 155 -18.87 -2.03 40.96
C TYR C 155 -19.76 -3.19 41.46
N ASP C 156 -21.03 -2.91 41.71
CA ASP C 156 -21.97 -3.97 42.05
C ASP C 156 -22.00 -5.04 40.96
N LYS C 157 -21.96 -4.62 39.69
CA LYS C 157 -21.94 -5.57 38.57
C LYS C 157 -20.65 -6.38 38.56
N ALA C 158 -19.53 -5.72 38.85
CA ALA C 158 -18.23 -6.37 38.87
C ALA C 158 -18.14 -7.43 39.98
N LYS C 159 -18.74 -7.15 41.14
CA LYS C 159 -18.71 -8.09 42.27
C LYS C 159 -19.67 -9.26 42.05
N LYS C 160 -20.76 -9.00 41.33
CA LYS C 160 -21.64 -10.07 40.88
C LYS C 160 -20.87 -11.02 39.96
N LEU C 161 -20.26 -10.47 38.90
CA LEU C 161 -19.46 -11.25 37.93
C LEU C 161 -18.27 -11.97 38.58
N GLY C 162 -17.64 -11.33 39.56
CA GLY C 162 -16.38 -11.82 40.11
C GLY C 162 -15.22 -11.54 39.18
N HIS C 163 -14.00 -11.73 39.69
CA HIS C 163 -12.80 -11.48 38.87
C HIS C 163 -12.79 -12.39 37.64
N GLU C 164 -13.26 -13.61 37.81
CA GLU C 164 -13.33 -14.62 36.75
C GLU C 164 -14.37 -14.27 35.67
N GLY C 165 -15.49 -13.68 36.07
CA GLY C 165 -16.49 -13.22 35.11
C GLY C 165 -15.95 -12.11 34.22
N ILE C 166 -15.29 -11.16 34.85
CA ILE C 166 -14.66 -10.03 34.16
C ILE C 166 -13.56 -10.56 33.26
N ALA C 167 -12.68 -11.39 33.84
CA ALA C 167 -11.58 -12.01 33.09
C ALA C 167 -12.07 -12.76 31.86
N LYS C 168 -13.11 -13.57 32.03
CA LYS C 168 -13.63 -14.39 30.94
C LYS C 168 -14.06 -13.53 29.74
N LEU C 169 -14.70 -12.41 30.00
CA LEU C 169 -15.20 -11.52 28.96
C LEU C 169 -14.04 -10.90 28.17
N ILE C 170 -13.02 -10.47 28.89
CA ILE C 170 -11.83 -9.91 28.29
C ILE C 170 -11.11 -10.95 27.43
N VAL C 171 -10.96 -12.16 27.95
CA VAL C 171 -10.30 -13.26 27.25
C VAL C 171 -11.06 -13.68 25.98
N GLU C 172 -12.38 -13.82 26.10
CA GLU C 172 -13.21 -14.18 24.95
C GLU C 172 -13.09 -13.12 23.86
N GLY C 173 -13.00 -11.85 24.28
CA GLY C 173 -12.80 -10.74 23.36
C GLY C 173 -11.46 -10.82 22.64
N VAL C 174 -10.39 -10.98 23.41
CA VAL C 174 -9.04 -11.02 22.84
C VAL C 174 -8.88 -12.25 21.95
N LEU C 175 -9.36 -13.41 22.41
CA LEU C 175 -9.17 -14.65 21.68
C LEU C 175 -10.19 -14.90 20.56
N ASN C 176 -11.23 -14.08 20.49
CA ASN C 176 -12.27 -14.18 19.44
C ASN C 176 -12.94 -15.55 19.43
N LYS C 177 -13.33 -16.02 20.62
CA LYS C 177 -14.03 -17.28 20.78
C LYS C 177 -14.74 -17.30 22.12
N ASN C 178 -15.73 -18.18 22.24
CA ASN C 178 -16.39 -18.40 23.53
C ASN C 178 -15.62 -19.47 24.31
N ILE C 179 -15.48 -19.28 25.61
CA ILE C 179 -14.76 -20.22 26.47
C ILE C 179 -15.71 -21.08 27.29
N ASN C 180 -16.72 -20.44 27.88
CA ASN C 180 -17.65 -21.10 28.78
C ASN C 180 -16.88 -21.97 29.80
N HIS D 1 -0.91 -6.39 3.79
CA HIS D 1 0.40 -5.71 3.60
C HIS D 1 1.03 -6.04 2.25
N MET D 2 0.95 -7.30 1.86
CA MET D 2 1.37 -7.73 0.53
C MET D 2 0.14 -8.23 -0.23
N LYS D 3 0.10 -7.96 -1.54
CA LYS D 3 -0.84 -8.63 -2.43
C LYS D 3 -0.09 -9.80 -3.06
N ILE D 4 -0.59 -11.01 -2.82
CA ILE D 4 0.11 -12.23 -3.22
C ILE D 4 -0.70 -13.03 -4.22
N CYS D 5 -0.02 -13.55 -5.23
CA CYS D 5 -0.62 -14.42 -6.23
C CYS D 5 -0.11 -15.82 -6.02
N ILE D 6 -1.02 -16.79 -5.98
CA ILE D 6 -0.64 -18.19 -5.89
C ILE D 6 -1.14 -18.87 -7.15
N THR D 7 -0.23 -19.32 -8.01
CA THR D 7 -0.62 -20.10 -9.17
C THR D 7 -0.41 -21.59 -8.89
N VAL D 8 -1.34 -22.41 -9.39
CA VAL D 8 -1.21 -23.84 -9.29
C VAL D 8 -0.55 -24.32 -10.58
N GLY D 9 0.58 -25.00 -10.44
CA GLY D 9 1.29 -25.52 -11.60
C GLY D 9 0.48 -26.56 -12.36
N HIS D 10 0.67 -26.60 -13.68
CA HIS D 10 0.10 -27.65 -14.55
C HIS D 10 -1.40 -27.47 -14.78
N SER D 11 -2.03 -28.46 -15.42
CA SER D 11 -3.46 -28.37 -15.74
C SER D 11 -3.99 -29.73 -16.20
N ILE D 12 -5.30 -29.80 -16.40
CA ILE D 12 -5.93 -30.95 -17.05
C ILE D 12 -6.39 -30.53 -18.45
N LEU D 13 -5.77 -31.10 -19.47
CA LEU D 13 -6.07 -30.75 -20.85
C LEU D 13 -7.43 -31.30 -21.30
N LYS D 14 -7.88 -30.82 -22.45
CA LYS D 14 -9.15 -31.21 -23.06
C LYS D 14 -9.26 -32.73 -23.21
N SER D 15 -8.15 -33.36 -23.57
CA SER D 15 -8.08 -34.82 -23.67
C SER D 15 -8.30 -35.52 -22.34
N GLY D 16 -8.17 -34.79 -21.24
CA GLY D 16 -8.21 -35.35 -19.90
C GLY D 16 -6.82 -35.67 -19.36
N ALA D 17 -5.80 -35.54 -20.20
CA ALA D 17 -4.41 -35.71 -19.76
C ALA D 17 -4.07 -34.61 -18.77
N CYS D 18 -3.45 -34.98 -17.66
CA CYS D 18 -2.94 -34.04 -16.68
C CYS D 18 -1.44 -33.87 -16.91
N THR D 19 -0.97 -32.63 -16.97
CA THR D 19 0.43 -32.32 -17.32
C THR D 19 1.40 -32.45 -16.15
N SER D 20 0.88 -32.62 -14.95
CA SER D 20 1.71 -32.67 -13.74
C SER D 20 2.33 -34.04 -13.49
N ALA D 21 3.29 -34.08 -12.57
CA ALA D 21 3.85 -35.34 -12.10
C ALA D 21 2.78 -36.14 -11.36
N ASP D 22 2.97 -37.45 -11.28
CA ASP D 22 2.00 -38.32 -10.62
C ASP D 22 2.68 -39.52 -10.00
N GLY D 23 2.28 -39.87 -8.78
CA GLY D 23 2.84 -41.03 -8.09
C GLY D 23 1.90 -41.56 -7.04
N VAL D 24 2.29 -41.46 -5.77
CA VAL D 24 1.39 -41.81 -4.68
C VAL D 24 0.32 -40.72 -4.51
N VAL D 25 0.60 -39.53 -5.02
CA VAL D 25 -0.40 -38.46 -5.14
C VAL D 25 -0.23 -37.79 -6.50
N ASN D 26 -1.30 -37.20 -7.02
CA ASN D 26 -1.21 -36.39 -8.21
C ASN D 26 -0.81 -34.97 -7.83
N GLU D 27 0.27 -34.49 -8.45
CA GLU D 27 0.81 -33.15 -8.17
C GLU D 27 -0.23 -32.04 -8.35
N TYR D 28 -0.93 -32.04 -9.48
CA TYR D 28 -1.95 -31.02 -9.75
C TYR D 28 -3.09 -31.06 -8.74
N GLN D 29 -3.61 -32.26 -8.47
CA GLN D 29 -4.73 -32.39 -7.54
C GLN D 29 -4.32 -31.92 -6.14
N TYR D 30 -3.11 -32.29 -5.73
CA TYR D 30 -2.64 -31.94 -4.40
C TYR D 30 -2.50 -30.41 -4.24
N ASN D 31 -1.91 -29.76 -5.23
CA ASN D 31 -1.72 -28.30 -5.16
C ASN D 31 -3.01 -27.50 -5.40
N LYS D 32 -3.98 -28.10 -6.09
CA LYS D 32 -5.33 -27.55 -6.20
C LYS D 32 -5.98 -27.48 -4.82
N SER D 33 -5.74 -28.49 -3.99
CA SER D 33 -6.25 -28.51 -2.62
C SER D 33 -5.44 -27.59 -1.70
N LEU D 34 -4.12 -27.58 -1.86
CA LEU D 34 -3.26 -26.79 -0.99
C LEU D 34 -3.40 -25.27 -1.19
N ALA D 35 -3.57 -24.82 -2.42
CA ALA D 35 -3.57 -23.37 -2.74
C ALA D 35 -4.56 -22.55 -1.90
N PRO D 36 -5.84 -22.94 -1.86
CA PRO D 36 -6.80 -22.19 -1.04
C PRO D 36 -6.47 -22.17 0.46
N VAL D 37 -5.84 -23.23 0.97
CA VAL D 37 -5.42 -23.24 2.38
C VAL D 37 -4.22 -22.32 2.60
N LEU D 38 -3.25 -22.36 1.68
CA LEU D 38 -2.13 -21.43 1.73
C LEU D 38 -2.62 -19.98 1.67
N ALA D 39 -3.62 -19.73 0.82
CA ALA D 39 -4.19 -18.40 0.65
C ALA D 39 -4.81 -17.91 1.95
N ASP D 40 -5.66 -18.73 2.54
CA ASP D 40 -6.31 -18.41 3.81
C ASP D 40 -5.29 -18.11 4.91
N THR D 41 -4.19 -18.85 4.93
CA THR D 41 -3.16 -18.68 5.95
C THR D 41 -2.49 -17.30 5.83
N PHE D 42 -2.19 -16.87 4.61
CA PHE D 42 -1.68 -15.51 4.37
C PHE D 42 -2.75 -14.46 4.70
N ARG D 43 -3.99 -14.73 4.31
CA ARG D 43 -5.09 -13.81 4.59
C ARG D 43 -5.22 -13.57 6.11
N LYS D 44 -5.03 -14.63 6.89
CA LYS D 44 -5.08 -14.55 8.35
C LYS D 44 -4.04 -13.55 8.89
N GLU D 45 -2.91 -13.43 8.19
CA GLU D 45 -1.86 -12.49 8.58
C GLU D 45 -2.00 -11.10 7.95
N GLY D 46 -3.16 -10.82 7.36
CA GLY D 46 -3.49 -9.47 6.90
C GLY D 46 -3.25 -9.20 5.42
N HIS D 47 -2.77 -10.20 4.70
CA HIS D 47 -2.40 -10.03 3.30
C HIS D 47 -3.61 -10.35 2.41
N LYS D 48 -3.55 -9.84 1.18
CA LYS D 48 -4.54 -10.12 0.16
C LYS D 48 -3.97 -11.12 -0.83
N VAL D 49 -4.78 -12.11 -1.20
CA VAL D 49 -4.32 -13.22 -2.02
C VAL D 49 -5.33 -13.55 -3.12
N ASP D 50 -4.81 -13.75 -4.33
CA ASP D 50 -5.59 -14.33 -5.44
C ASP D 50 -4.97 -15.66 -5.79
N VAL D 51 -5.82 -16.68 -5.92
CA VAL D 51 -5.39 -17.99 -6.37
C VAL D 51 -5.72 -18.14 -7.84
N ILE D 52 -4.73 -18.52 -8.64
CA ILE D 52 -4.93 -18.74 -10.08
C ILE D 52 -4.76 -20.22 -10.41
N ILE D 53 -5.86 -20.87 -10.74
CA ILE D 53 -5.82 -22.26 -11.21
C ILE D 53 -6.35 -22.29 -12.64
N CYS D 54 -5.63 -23.00 -13.51
CA CYS D 54 -6.00 -23.08 -14.92
C CYS D 54 -7.34 -23.79 -15.09
N PRO D 55 -8.19 -23.32 -16.02
CA PRO D 55 -9.41 -24.05 -16.34
C PRO D 55 -9.09 -25.50 -16.70
N GLU D 56 -9.97 -26.41 -16.31
CA GLU D 56 -9.80 -27.83 -16.63
C GLU D 56 -10.54 -28.18 -17.92
N LYS D 57 -9.95 -29.06 -18.71
CA LYS D 57 -10.53 -29.55 -19.97
C LYS D 57 -10.86 -28.43 -20.96
N GLN D 58 -10.00 -27.41 -20.99
CA GLN D 58 -10.12 -26.30 -21.92
C GLN D 58 -8.92 -26.21 -22.87
N PHE D 59 -7.71 -26.43 -22.34
CA PHE D 59 -6.48 -26.34 -23.14
C PHE D 59 -6.30 -27.54 -24.06
N LYS D 60 -5.89 -27.27 -25.30
CA LYS D 60 -5.53 -28.32 -26.26
C LYS D 60 -4.11 -28.84 -26.00
N THR D 61 -3.22 -27.96 -25.54
CA THR D 61 -1.84 -28.32 -25.21
C THR D 61 -1.36 -27.58 -23.97
N LYS D 62 -0.28 -28.07 -23.38
CA LYS D 62 0.29 -27.46 -22.17
C LYS D 62 0.87 -26.07 -22.42
N ASN D 63 1.09 -25.73 -23.69
CA ASN D 63 1.58 -24.40 -24.06
C ASN D 63 0.64 -23.27 -23.65
N GLU D 64 -0.64 -23.59 -23.51
CA GLU D 64 -1.64 -22.60 -23.10
C GLU D 64 -1.60 -22.26 -21.61
N GLU D 65 -0.87 -23.04 -20.81
CA GLU D 65 -0.68 -22.70 -19.40
C GLU D 65 0.03 -21.34 -19.28
N LYS D 66 1.11 -21.19 -20.05
CA LYS D 66 1.90 -19.94 -20.10
C LYS D 66 1.07 -18.74 -20.55
N SER D 67 0.32 -18.91 -21.63
CA SER D 67 -0.55 -17.87 -22.17
C SER D 67 -1.64 -17.46 -21.19
N TYR D 68 -2.19 -18.44 -20.47
CA TYR D 68 -3.27 -18.19 -19.51
C TYR D 68 -2.78 -17.44 -18.28
N LYS D 69 -1.64 -17.88 -17.72
CA LYS D 69 -1.20 -17.39 -16.41
C LYS D 69 -0.51 -16.04 -16.44
N ILE D 70 0.42 -15.87 -17.38
CA ILE D 70 1.34 -14.72 -17.34
C ILE D 70 0.62 -13.37 -17.39
N PRO D 71 -0.32 -13.18 -18.33
CA PRO D 71 -1.05 -11.91 -18.37
C PRO D 71 -1.88 -11.64 -17.12
N ARG D 72 -2.44 -12.69 -16.52
CA ARG D 72 -3.21 -12.57 -15.30
C ARG D 72 -2.31 -12.22 -14.11
N VAL D 73 -1.15 -12.88 -14.02
CA VAL D 73 -0.15 -12.54 -13.01
C VAL D 73 0.25 -11.07 -13.12
N ASN D 74 0.57 -10.64 -14.33
CA ASN D 74 1.11 -9.30 -14.56
C ASN D 74 0.08 -8.16 -14.44
N SER D 75 -1.21 -8.47 -14.63
CA SER D 75 -2.27 -7.47 -14.51
C SER D 75 -2.67 -7.17 -13.06
N GLY D 76 -2.43 -8.14 -12.17
CA GLY D 76 -2.91 -8.04 -10.79
C GLY D 76 -2.18 -7.06 -9.88
N GLY D 77 -0.95 -6.69 -10.24
CA GLY D 77 -0.16 -5.80 -9.38
C GLY D 77 0.25 -6.46 -8.08
N TYR D 78 0.80 -7.66 -8.18
CA TYR D 78 1.24 -8.42 -7.02
C TYR D 78 2.64 -8.02 -6.56
N ASP D 79 2.89 -8.22 -5.27
CA ASP D 79 4.20 -8.04 -4.69
C ASP D 79 4.96 -9.37 -4.65
N LEU D 80 4.23 -10.47 -4.81
CA LEU D 80 4.83 -11.80 -4.76
C LEU D 80 3.97 -12.80 -5.52
N LEU D 81 4.64 -13.66 -6.27
CA LEU D 81 4.01 -14.79 -6.95
C LEU D 81 4.61 -16.05 -6.38
N ILE D 82 3.74 -17.02 -6.07
CA ILE D 82 4.13 -18.34 -5.62
C ILE D 82 3.44 -19.35 -6.52
N GLU D 83 4.21 -20.18 -7.20
CA GLU D 83 3.62 -21.27 -7.94
C GLU D 83 3.89 -22.57 -7.20
N LEU D 84 2.85 -23.37 -7.06
CA LEU D 84 2.93 -24.61 -6.28
C LEU D 84 3.16 -25.79 -7.21
N HIS D 85 4.21 -26.54 -6.91
CA HIS D 85 4.52 -27.81 -7.54
C HIS D 85 4.83 -28.89 -6.50
N LEU D 86 4.89 -30.14 -6.96
CA LEU D 86 5.51 -31.23 -6.23
C LEU D 86 6.56 -31.81 -7.14
N ASN D 87 7.56 -32.48 -6.58
CA ASN D 87 8.69 -32.98 -7.34
C ASN D 87 8.51 -34.46 -7.68
N ALA D 88 9.43 -34.97 -8.50
CA ALA D 88 9.39 -36.37 -8.93
C ALA D 88 10.79 -36.78 -9.39
N SER D 89 11.09 -38.06 -9.22
CA SER D 89 12.33 -38.64 -9.74
C SER D 89 12.06 -40.11 -10.08
N ASN D 90 12.82 -41.04 -9.51
CA ASN D 90 12.62 -42.48 -9.73
C ASN D 90 12.08 -43.17 -8.48
N GLY D 91 11.58 -42.38 -7.54
CA GLY D 91 11.03 -42.91 -6.28
C GLY D 91 11.96 -42.77 -5.09
N GLN D 92 13.24 -42.51 -5.34
CA GLN D 92 14.23 -42.36 -4.27
C GLN D 92 14.47 -40.90 -3.87
N GLY D 93 14.20 -39.98 -4.78
CA GLY D 93 14.26 -38.55 -4.48
C GLY D 93 13.27 -38.15 -3.42
N LYS D 94 13.66 -37.20 -2.56
CA LYS D 94 12.83 -36.77 -1.45
C LYS D 94 13.23 -35.39 -0.97
N GLY D 95 12.27 -34.67 -0.40
CA GLY D 95 12.55 -33.39 0.26
C GLY D 95 11.97 -32.21 -0.47
N SER D 96 12.34 -31.03 0.00
CA SER D 96 11.77 -29.77 -0.43
C SER D 96 12.79 -28.87 -1.12
N GLU D 97 12.30 -28.02 -1.99
CA GLU D 97 13.11 -27.29 -2.94
C GLU D 97 12.31 -26.09 -3.44
N VAL D 98 12.96 -24.93 -3.55
CA VAL D 98 12.29 -23.70 -4.02
C VAL D 98 13.17 -23.03 -5.07
N LEU D 99 12.57 -22.75 -6.23
CA LEU D 99 13.29 -22.17 -7.34
C LEU D 99 13.03 -20.67 -7.33
N TYR D 100 14.02 -19.89 -7.72
CA TYR D 100 13.91 -18.44 -7.74
C TYR D 100 14.64 -17.88 -8.95
N TYR D 101 14.39 -16.61 -9.23
CA TYR D 101 14.99 -15.91 -10.37
C TYR D 101 16.00 -14.87 -9.92
N SER D 102 15.66 -14.14 -8.86
CA SER D 102 16.39 -12.95 -8.45
C SER D 102 16.93 -13.05 -7.03
N ASN D 103 17.67 -12.03 -6.63
CA ASN D 103 18.18 -11.96 -5.26
C ASN D 103 17.05 -11.83 -4.23
N LYS D 104 15.99 -11.09 -4.58
CA LYS D 104 14.82 -10.98 -3.69
C LYS D 104 14.11 -12.34 -3.56
N GLY D 105 13.99 -13.05 -4.68
CA GLY D 105 13.43 -14.40 -4.68
C GLY D 105 14.25 -15.38 -3.85
N LEU D 106 15.57 -15.24 -3.91
CA LEU D 106 16.48 -16.04 -3.10
C LEU D 106 16.16 -15.91 -1.61
N GLU D 107 15.88 -14.70 -1.13
CA GLU D 107 15.52 -14.47 0.28
C GLU D 107 14.33 -15.32 0.70
N TYR D 108 13.25 -15.20 -0.09
CA TYR D 108 12.03 -15.96 0.16
C TYR D 108 12.31 -17.45 0.10
N ALA D 109 13.02 -17.88 -0.94
CA ALA D 109 13.30 -19.28 -1.19
C ALA D 109 14.03 -19.93 -0.02
N THR D 110 15.09 -19.29 0.45
CA THR D 110 15.90 -19.81 1.55
C THR D 110 15.07 -20.06 2.82
N ARG D 111 14.18 -19.12 3.14
CA ARG D 111 13.40 -19.21 4.37
C ARG D 111 12.29 -20.25 4.26
N ILE D 112 11.68 -20.34 3.08
CA ILE D 112 10.68 -21.37 2.83
C ILE D 112 11.32 -22.76 2.99
N CYS D 113 12.49 -22.94 2.40
CA CYS D 113 13.21 -24.20 2.51
C CYS D 113 13.56 -24.57 3.95
N ASP D 114 14.08 -23.59 4.70
CA ASP D 114 14.41 -23.79 6.11
C ASP D 114 13.21 -24.29 6.91
N LYS D 115 12.05 -23.68 6.67
CA LYS D 115 10.82 -24.06 7.36
C LYS D 115 10.31 -25.44 6.93
N LEU D 116 10.30 -25.70 5.62
CA LEU D 116 9.95 -27.03 5.11
C LEU D 116 10.97 -28.07 5.58
N GLY D 117 12.21 -27.64 5.76
CA GLY D 117 13.30 -28.51 6.22
C GLY D 117 13.18 -28.99 7.66
N THR D 118 12.24 -28.41 8.40
CA THR D 118 11.90 -28.88 9.72
C THR D 118 11.22 -30.26 9.67
N VAL D 119 10.61 -30.58 8.53
CA VAL D 119 9.89 -31.84 8.33
C VAL D 119 10.50 -32.68 7.22
N PHE D 120 10.87 -32.03 6.11
CA PHE D 120 11.40 -32.70 4.93
C PHE D 120 12.91 -32.52 4.79
N LYS D 121 13.52 -33.20 3.82
CA LYS D 121 14.92 -32.93 3.48
C LYS D 121 14.96 -31.56 2.83
N ASN D 122 15.83 -30.69 3.34
CA ASN D 122 16.03 -29.39 2.72
C ASN D 122 17.03 -29.54 1.58
N ARG D 123 16.52 -29.54 0.35
CA ARG D 123 17.37 -29.60 -0.84
C ARG D 123 17.87 -28.21 -1.23
N GLY D 124 17.29 -27.18 -0.64
CA GLY D 124 17.83 -25.81 -0.76
C GLY D 124 17.20 -24.96 -1.86
N ALA D 125 17.47 -23.66 -1.77
CA ALA D 125 17.03 -22.71 -2.79
C ALA D 125 17.85 -22.90 -4.06
N LYS D 126 17.20 -22.92 -5.21
CA LYS D 126 17.90 -23.14 -6.48
C LYS D 126 17.52 -22.09 -7.53
N LEU D 127 18.53 -21.46 -8.12
CA LEU D 127 18.32 -20.51 -9.21
C LEU D 127 17.87 -21.23 -10.49
N ASP D 128 16.81 -20.75 -11.12
CA ASP D 128 16.43 -21.23 -12.46
C ASP D 128 15.80 -20.11 -13.31
N LYS D 129 16.61 -19.53 -14.19
CA LYS D 129 16.16 -18.42 -15.04
C LYS D 129 15.40 -18.89 -16.28
N ARG D 130 15.40 -20.19 -16.54
CA ARG D 130 14.77 -20.74 -17.75
C ARG D 130 13.25 -20.85 -17.63
N LEU D 131 12.73 -20.84 -16.41
CA LEU D 131 11.29 -21.07 -16.19
C LEU D 131 10.48 -19.82 -16.45
N TYR D 132 9.52 -19.90 -17.37
CA TYR D 132 8.72 -18.74 -17.75
C TYR D 132 7.94 -18.13 -16.57
N ILE D 133 7.48 -18.96 -15.63
CA ILE D 133 6.69 -18.44 -14.51
C ILE D 133 7.55 -17.54 -13.64
N LEU D 134 8.87 -17.76 -13.66
CA LEU D 134 9.82 -16.90 -12.94
C LEU D 134 10.34 -15.74 -13.79
N ASN D 135 10.69 -16.00 -15.05
CA ASN D 135 11.34 -14.97 -15.87
C ASN D 135 10.36 -14.03 -16.61
N SER D 136 9.09 -14.43 -16.71
CA SER D 136 8.06 -13.60 -17.38
C SER D 136 7.07 -12.97 -16.41
N SER D 137 7.21 -13.24 -15.12
CA SER D 137 6.31 -12.70 -14.11
C SER D 137 6.91 -11.45 -13.49
N LYS D 138 6.09 -10.43 -13.36
CA LYS D 138 6.55 -9.14 -12.90
C LYS D 138 6.94 -9.06 -11.41
N PRO D 139 6.07 -9.57 -10.52
CA PRO D 139 6.48 -9.58 -9.11
C PRO D 139 7.63 -10.55 -8.86
N THR D 140 8.34 -10.36 -7.75
CA THR D 140 9.25 -11.38 -7.26
C THR D 140 8.51 -12.72 -7.26
N ALA D 141 9.11 -13.74 -7.86
CA ALA D 141 8.45 -15.05 -8.01
C ALA D 141 9.29 -16.16 -7.43
N VAL D 142 8.60 -17.12 -6.78
CA VAL D 142 9.21 -18.38 -6.36
C VAL D 142 8.33 -19.55 -6.76
N LEU D 143 8.99 -20.67 -7.05
CA LEU D 143 8.30 -21.91 -7.39
C LEU D 143 8.63 -22.90 -6.29
N ILE D 144 7.60 -23.36 -5.56
CA ILE D 144 7.81 -24.26 -4.43
C ILE D 144 7.56 -25.70 -4.86
N GLU D 145 8.61 -26.52 -4.78
CA GLU D 145 8.50 -27.97 -4.93
C GLU D 145 8.44 -28.54 -3.50
N SER D 146 7.24 -28.58 -2.93
CA SER D 146 7.06 -28.85 -1.49
C SER D 146 7.56 -30.22 -1.03
N PHE D 147 7.33 -31.24 -1.85
CA PHE D 147 7.86 -32.59 -1.58
C PHE D 147 7.73 -33.43 -2.85
N PHE D 148 8.18 -34.68 -2.80
CA PHE D 148 8.09 -35.57 -3.97
C PHE D 148 6.78 -36.35 -4.00
N CYS D 149 6.03 -36.16 -5.10
CA CYS D 149 4.72 -36.81 -5.27
C CYS D 149 4.82 -38.32 -5.57
N ASP D 150 6.04 -38.81 -5.79
CA ASP D 150 6.30 -40.23 -6.06
C ASP D 150 7.09 -40.90 -4.93
N ASN D 151 7.04 -40.28 -3.74
CA ASN D 151 7.74 -40.78 -2.59
C ASN D 151 6.78 -40.93 -1.41
N LYS D 152 6.46 -42.18 -1.08
CA LYS D 152 5.54 -42.53 0.03
C LYS D 152 5.84 -41.77 1.32
N GLU D 153 7.11 -41.79 1.72
CA GLU D 153 7.53 -41.23 3.00
C GLU D 153 7.26 -39.72 3.05
N ASP D 154 7.59 -39.02 1.94
CA ASP D 154 7.26 -37.59 1.80
C ASP D 154 5.76 -37.34 1.90
N TYR D 155 4.96 -38.15 1.22
CA TYR D 155 3.52 -37.92 1.20
C TYR D 155 2.87 -38.23 2.56
N ASP D 156 3.41 -39.22 3.28
CA ASP D 156 2.96 -39.54 4.63
C ASP D 156 3.24 -38.38 5.60
N LYS D 157 4.42 -37.77 5.48
CA LYS D 157 4.75 -36.57 6.25
C LYS D 157 3.80 -35.40 5.92
N ALA D 158 3.43 -35.27 4.65
CA ALA D 158 2.51 -34.22 4.22
C ALA D 158 1.10 -34.44 4.79
N LYS D 159 0.63 -35.69 4.71
CA LYS D 159 -0.67 -36.05 5.29
C LYS D 159 -0.71 -35.94 6.81
N LYS D 160 0.45 -36.05 7.45
CA LYS D 160 0.57 -35.84 8.89
C LYS D 160 0.44 -34.35 9.20
N LEU D 161 1.19 -33.52 8.46
CA LEU D 161 1.12 -32.07 8.56
C LEU D 161 -0.26 -31.51 8.20
N GLY D 162 -0.90 -32.14 7.21
CA GLY D 162 -2.11 -31.59 6.62
C GLY D 162 -1.79 -30.37 5.77
N HIS D 163 -2.76 -29.94 4.98
CA HIS D 163 -2.60 -28.75 4.13
C HIS D 163 -2.26 -27.50 4.94
N GLU D 164 -2.83 -27.40 6.14
CA GLU D 164 -2.62 -26.26 7.03
C GLU D 164 -1.20 -26.24 7.58
N GLY D 165 -0.65 -27.43 7.89
CA GLY D 165 0.72 -27.57 8.37
C GLY D 165 1.76 -27.18 7.34
N ILE D 166 1.53 -27.60 6.11
CA ILE D 166 2.40 -27.26 4.99
C ILE D 166 2.27 -25.76 4.69
N ALA D 167 1.04 -25.26 4.61
CA ALA D 167 0.80 -23.84 4.38
C ALA D 167 1.50 -22.97 5.44
N LYS D 168 1.35 -23.37 6.70
CA LYS D 168 1.92 -22.63 7.82
C LYS D 168 3.43 -22.48 7.68
N LEU D 169 4.10 -23.56 7.28
CA LEU D 169 5.55 -23.55 7.08
C LEU D 169 5.95 -22.61 5.94
N ILE D 170 5.23 -22.69 4.83
CA ILE D 170 5.44 -21.81 3.70
C ILE D 170 5.24 -20.33 4.09
N VAL D 171 4.17 -20.06 4.85
CA VAL D 171 3.84 -18.68 5.20
C VAL D 171 4.84 -18.09 6.20
N GLU D 172 5.26 -18.88 7.18
CA GLU D 172 6.27 -18.46 8.14
C GLU D 172 7.60 -18.15 7.43
N GLY D 173 7.92 -18.94 6.41
CA GLY D 173 9.10 -18.71 5.59
C GLY D 173 9.04 -17.44 4.75
N VAL D 174 7.89 -17.19 4.14
CA VAL D 174 7.71 -16.00 3.31
C VAL D 174 7.69 -14.75 4.16
N LEU D 175 6.94 -14.79 5.27
CA LEU D 175 6.76 -13.64 6.15
C LEU D 175 7.89 -13.44 7.16
N ASN D 176 8.77 -14.43 7.27
CA ASN D 176 9.90 -14.41 8.21
C ASN D 176 9.45 -14.13 9.65
N LYS D 177 8.42 -14.84 10.08
CA LYS D 177 7.98 -14.79 11.46
C LYS D 177 7.25 -16.08 11.79
N ASN D 178 7.12 -16.38 13.07
CA ASN D 178 6.33 -17.53 13.50
C ASN D 178 4.87 -17.14 13.61
N ILE D 179 4.00 -18.04 13.16
CA ILE D 179 2.56 -17.78 13.11
C ILE D 179 1.91 -18.25 14.40
N ASN D 180 2.22 -19.47 14.81
CA ASN D 180 1.65 -20.12 16.00
C ASN D 180 0.48 -19.35 16.61
#